data_1SG7
#
_entry.id   1SG7
#
_cell.length_a   1.000
_cell.length_b   1.000
_cell.length_c   1.000
_cell.angle_alpha   90.00
_cell.angle_beta   90.00
_cell.angle_gamma   90.00
#
_symmetry.space_group_name_H-M   'P 1'
#
_entity_poly.entity_id   1
_entity_poly.type   'polypeptide(L)'
_entity_poly.pdbx_seq_one_letter_code
;MGSSHHHHHHHHSSGFNPRGSPYKTKSDLPESVKHVLPSHAQDIYKEAFNSAWDQYKDKEDRRDDASREETAHKVAWAAV
KHEYAKGDDDKWHKKS
;
_entity_poly.pdbx_strand_id   A
#
# COMPACT_ATOMS: atom_id res chain seq x y z
N PRO A 22 -6.09 6.90 4.57
CA PRO A 22 -6.87 5.70 4.90
C PRO A 22 -6.15 4.81 5.93
N TYR A 23 -4.85 5.02 6.05
CA TYR A 23 -4.04 4.26 6.98
C TYR A 23 -3.45 5.18 8.05
N LYS A 24 -3.37 4.69 9.29
CA LYS A 24 -2.83 5.51 10.36
C LYS A 24 -1.54 4.94 10.93
N THR A 25 -1.50 3.63 11.16
CA THR A 25 -0.30 3.00 11.70
C THR A 25 0.18 1.84 10.81
N LYS A 26 -0.72 0.88 10.58
CA LYS A 26 -0.39 -0.30 9.76
C LYS A 26 -1.58 -1.24 9.68
N SER A 27 -2.12 -1.61 10.85
CA SER A 27 -3.27 -2.51 10.92
C SER A 27 -4.43 -1.95 10.10
N ASP A 28 -4.42 -0.64 9.88
CA ASP A 28 -5.46 0.02 9.11
C ASP A 28 -5.47 -0.45 7.65
N LEU A 29 -4.38 -1.10 7.23
CA LEU A 29 -4.28 -1.58 5.86
C LEU A 29 -5.41 -2.54 5.51
N PRO A 30 -5.58 -2.82 4.20
CA PRO A 30 -6.63 -3.72 3.70
C PRO A 30 -6.41 -5.17 4.10
N GLU A 31 -7.49 -5.84 4.47
CA GLU A 31 -7.41 -7.25 4.87
C GLU A 31 -6.67 -8.06 3.81
N SER A 32 -7.06 -7.92 2.55
CA SER A 32 -6.40 -8.63 1.46
C SER A 32 -4.92 -8.29 1.40
N VAL A 33 -4.54 -7.22 2.10
CA VAL A 33 -3.16 -6.78 2.15
C VAL A 33 -2.48 -7.35 3.40
N LYS A 34 -3.09 -7.11 4.56
CA LYS A 34 -2.56 -7.60 5.83
C LYS A 34 -2.62 -9.13 5.89
N HIS A 35 -3.58 -9.72 5.18
CA HIS A 35 -3.76 -11.18 5.16
C HIS A 35 -2.81 -11.85 4.17
N VAL A 36 -1.84 -11.08 3.68
CA VAL A 36 -0.88 -11.56 2.71
C VAL A 36 0.50 -10.97 2.99
N LEU A 37 0.52 -9.75 3.53
CA LEU A 37 1.77 -9.09 3.84
C LEU A 37 2.30 -9.55 5.19
N PRO A 38 3.58 -9.93 5.21
CA PRO A 38 4.27 -10.45 6.41
C PRO A 38 4.22 -9.52 7.62
N SER A 39 5.07 -8.49 7.63
CA SER A 39 5.09 -7.55 8.76
C SER A 39 5.51 -6.16 8.30
N HIS A 40 6.82 -5.97 8.12
CA HIS A 40 7.33 -4.68 7.67
C HIS A 40 6.76 -4.29 6.30
N ALA A 41 6.11 -5.23 5.63
CA ALA A 41 5.52 -4.98 4.33
C ALA A 41 4.31 -4.06 4.46
N GLN A 42 3.65 -4.14 5.61
CA GLN A 42 2.49 -3.32 5.88
C GLN A 42 2.93 -1.89 6.11
N ASP A 43 4.06 -1.73 6.78
CA ASP A 43 4.62 -0.42 7.02
C ASP A 43 5.05 0.15 5.69
N ILE A 44 5.73 -0.69 4.92
CA ILE A 44 6.17 -0.34 3.58
C ILE A 44 4.95 0.05 2.77
N TYR A 45 3.97 -0.84 2.77
CA TYR A 45 2.72 -0.62 2.07
C TYR A 45 2.10 0.71 2.49
N LYS A 46 1.81 0.83 3.77
CA LYS A 46 1.21 2.05 4.31
C LYS A 46 2.08 3.27 4.04
N GLU A 47 3.34 3.21 4.43
CA GLU A 47 4.27 4.32 4.23
C GLU A 47 4.36 4.69 2.76
N ALA A 48 4.33 3.69 1.89
CA ALA A 48 4.39 3.93 0.46
C ALA A 48 3.07 4.50 -0.02
N PHE A 49 1.99 3.96 0.53
CA PHE A 49 0.65 4.42 0.20
C PHE A 49 0.49 5.87 0.61
N ASN A 50 0.76 6.16 1.88
CA ASN A 50 0.66 7.52 2.39
C ASN A 50 1.51 8.46 1.56
N SER A 51 2.71 8.00 1.21
CA SER A 51 3.63 8.79 0.40
C SER A 51 2.95 9.18 -0.91
N ALA A 52 2.32 8.19 -1.55
CA ALA A 52 1.61 8.44 -2.80
C ALA A 52 0.34 9.24 -2.53
N TRP A 53 -0.21 9.08 -1.34
CA TRP A 53 -1.41 9.80 -0.94
C TRP A 53 -1.10 11.28 -0.81
N ASP A 54 -0.07 11.60 -0.03
CA ASP A 54 0.34 12.99 0.16
C ASP A 54 0.86 13.54 -1.16
N GLN A 55 1.54 12.70 -1.92
CA GLN A 55 2.07 13.09 -3.21
C GLN A 55 0.94 13.36 -4.19
N TYR A 56 -0.19 12.71 -3.94
CA TYR A 56 -1.37 12.87 -4.78
C TYR A 56 -1.99 14.23 -4.57
N LYS A 57 -1.21 15.29 -4.78
CA LYS A 57 -1.70 16.65 -4.62
C LYS A 57 -2.41 17.11 -5.89
N ASP A 58 -2.46 16.23 -6.89
CA ASP A 58 -3.11 16.54 -8.16
C ASP A 58 -4.61 16.35 -8.05
N LYS A 59 -5.01 15.26 -7.40
CA LYS A 59 -6.43 14.94 -7.22
C LYS A 59 -6.86 15.18 -5.78
N GLU A 60 -6.38 16.27 -5.20
CA GLU A 60 -6.72 16.62 -3.82
C GLU A 60 -8.08 17.30 -3.71
N ASP A 61 -8.35 18.21 -4.64
CA ASP A 61 -9.60 18.95 -4.64
C ASP A 61 -10.60 18.36 -5.62
N ARG A 62 -10.47 17.08 -5.93
CA ARG A 62 -11.37 16.42 -6.83
C ARG A 62 -12.31 15.49 -6.07
N ARG A 63 -13.54 15.40 -6.55
CA ARG A 63 -14.54 14.54 -5.94
C ARG A 63 -14.16 13.08 -6.09
N ASP A 64 -13.20 12.80 -6.98
CA ASP A 64 -12.73 11.44 -7.22
C ASP A 64 -11.55 11.10 -6.32
N ASP A 65 -11.68 11.38 -5.04
CA ASP A 65 -10.61 11.09 -4.08
C ASP A 65 -10.25 9.61 -4.09
N ALA A 66 -11.23 8.77 -4.45
CA ALA A 66 -10.98 7.33 -4.50
C ALA A 66 -9.79 7.04 -5.39
N SER A 67 -9.70 7.75 -6.50
CA SER A 67 -8.60 7.59 -7.44
C SER A 67 -7.28 7.73 -6.70
N ARG A 68 -7.21 8.76 -5.87
CA ARG A 68 -6.03 9.00 -5.05
C ARG A 68 -5.74 7.75 -4.22
N GLU A 69 -6.69 7.40 -3.35
CA GLU A 69 -6.56 6.22 -2.52
C GLU A 69 -6.14 5.04 -3.37
N GLU A 70 -6.82 4.88 -4.51
CA GLU A 70 -6.51 3.81 -5.45
C GLU A 70 -5.05 3.88 -5.88
N THR A 71 -4.66 4.99 -6.50
CA THR A 71 -3.29 5.15 -6.94
C THR A 71 -2.33 4.82 -5.81
N ALA A 72 -2.60 5.38 -4.63
CA ALA A 72 -1.76 5.11 -3.48
C ALA A 72 -1.62 3.60 -3.31
N HIS A 73 -2.75 2.89 -3.44
CA HIS A 73 -2.76 1.44 -3.34
C HIS A 73 -1.73 0.88 -4.32
N LYS A 74 -1.82 1.34 -5.57
CA LYS A 74 -0.91 0.93 -6.63
C LYS A 74 0.53 1.21 -6.23
N VAL A 75 0.77 2.40 -5.73
CA VAL A 75 2.10 2.80 -5.31
C VAL A 75 2.58 1.94 -4.16
N ALA A 76 1.82 1.96 -3.06
CA ALA A 76 2.17 1.18 -1.88
C ALA A 76 2.54 -0.25 -2.26
N TRP A 77 1.74 -0.85 -3.13
CA TRP A 77 2.01 -2.21 -3.58
C TRP A 77 3.37 -2.23 -4.27
N ALA A 78 3.62 -1.23 -5.11
CA ALA A 78 4.90 -1.13 -5.81
C ALA A 78 6.05 -1.25 -4.81
N ALA A 79 5.95 -0.53 -3.70
CA ALA A 79 6.96 -0.61 -2.65
C ALA A 79 6.99 -2.01 -2.09
N VAL A 80 5.80 -2.55 -1.85
CA VAL A 80 5.66 -3.90 -1.34
C VAL A 80 6.27 -4.91 -2.30
N LYS A 81 5.94 -4.82 -3.59
CA LYS A 81 6.48 -5.73 -4.59
C LYS A 81 8.00 -5.55 -4.73
N HIS A 82 8.51 -4.44 -4.20
CA HIS A 82 9.93 -4.15 -4.27
C HIS A 82 10.68 -4.81 -3.11
N GLU A 83 10.13 -4.65 -1.91
CA GLU A 83 10.74 -5.20 -0.70
C GLU A 83 10.12 -6.55 -0.33
N TYR A 84 8.99 -6.86 -0.96
CA TYR A 84 8.28 -8.10 -0.69
C TYR A 84 7.86 -8.79 -1.99
N ALA A 85 7.82 -10.12 -1.95
CA ALA A 85 7.45 -10.91 -3.12
C ALA A 85 6.26 -11.82 -2.81
N LYS A 86 5.40 -12.03 -3.80
CA LYS A 86 4.24 -12.91 -3.63
C LYS A 86 4.59 -14.31 -4.09
N GLY A 87 4.51 -15.28 -3.19
CA GLY A 87 4.82 -16.63 -3.56
C GLY A 87 3.90 -17.15 -4.63
N ASP A 88 3.90 -18.46 -4.85
CA ASP A 88 3.05 -19.05 -5.87
C ASP A 88 1.64 -19.34 -5.35
N ASP A 89 1.14 -18.51 -4.43
CA ASP A 89 -0.21 -18.70 -3.91
C ASP A 89 -0.98 -17.39 -3.92
N ASP A 90 -0.85 -16.64 -2.85
CA ASP A 90 -1.50 -15.35 -2.71
C ASP A 90 -0.97 -14.67 -1.47
N LYS A 91 0.26 -15.01 -1.13
CA LYS A 91 0.93 -14.44 0.04
C LYS A 91 2.25 -13.83 -0.37
N TRP A 92 2.75 -12.91 0.45
CA TRP A 92 4.01 -12.26 0.15
C TRP A 92 5.06 -12.48 1.24
N HIS A 93 6.32 -12.25 0.88
CA HIS A 93 7.45 -12.39 1.79
C HIS A 93 8.51 -11.36 1.41
N LYS A 94 9.16 -10.74 2.40
CA LYS A 94 10.15 -9.71 2.11
C LYS A 94 11.26 -10.20 1.21
N LYS A 95 11.40 -9.51 0.09
CA LYS A 95 12.43 -9.81 -0.88
C LYS A 95 13.75 -9.18 -0.42
N SER A 96 13.89 -7.88 -0.70
CA SER A 96 15.09 -7.13 -0.32
C SER A 96 15.34 -7.23 1.18
N PRO A 22 -6.06 6.88 4.62
CA PRO A 22 -6.83 5.68 4.93
C PRO A 22 -6.11 4.77 5.92
N TYR A 23 -4.80 4.98 6.06
CA TYR A 23 -3.99 4.19 6.98
C TYR A 23 -3.40 5.09 8.07
N LYS A 24 -3.31 4.58 9.29
CA LYS A 24 -2.78 5.36 10.39
C LYS A 24 -1.54 4.73 11.03
N THR A 25 -1.54 3.41 11.19
CA THR A 25 -0.41 2.73 11.79
C THR A 25 0.12 1.62 10.88
N LYS A 26 -0.72 0.64 10.61
CA LYS A 26 -0.36 -0.49 9.75
C LYS A 26 -1.54 -1.45 9.62
N SER A 27 -2.10 -1.86 10.76
CA SER A 27 -3.24 -2.75 10.76
C SER A 27 -4.41 -2.14 9.99
N ASP A 28 -4.37 -0.83 9.82
CA ASP A 28 -5.42 -0.10 9.10
C ASP A 28 -5.45 -0.53 7.63
N LEU A 29 -4.36 -1.13 7.17
CA LEU A 29 -4.27 -1.58 5.79
C LEU A 29 -5.40 -2.54 5.44
N PRO A 30 -5.60 -2.80 4.13
CA PRO A 30 -6.65 -3.70 3.65
C PRO A 30 -6.44 -5.14 4.12
N GLU A 31 -7.53 -5.78 4.56
CA GLU A 31 -7.45 -7.16 5.04
C GLU A 31 -6.75 -8.04 4.00
N SER A 32 -7.10 -7.88 2.72
CA SER A 32 -6.48 -8.66 1.66
C SER A 32 -5.00 -8.30 1.51
N VAL A 33 -4.59 -7.23 2.18
CA VAL A 33 -3.22 -6.78 2.15
C VAL A 33 -2.50 -7.32 3.37
N LYS A 34 -3.06 -7.04 4.54
CA LYS A 34 -2.49 -7.49 5.80
C LYS A 34 -2.51 -9.02 5.91
N HIS A 35 -3.50 -9.65 5.26
CA HIS A 35 -3.64 -11.10 5.30
C HIS A 35 -2.72 -11.79 4.29
N VAL A 36 -1.79 -11.02 3.73
CA VAL A 36 -0.86 -11.52 2.73
C VAL A 36 0.51 -10.88 2.92
N LEU A 37 0.53 -9.63 3.38
CA LEU A 37 1.77 -8.91 3.59
C LEU A 37 2.33 -9.14 4.99
N PRO A 38 3.61 -9.50 5.04
CA PRO A 38 4.33 -9.76 6.29
C PRO A 38 4.35 -8.54 7.22
N SER A 39 5.16 -8.61 8.27
CA SER A 39 5.24 -7.52 9.25
C SER A 39 5.64 -6.18 8.60
N HIS A 40 6.94 -6.00 8.36
CA HIS A 40 7.45 -4.75 7.81
C HIS A 40 6.87 -4.39 6.43
N ALA A 41 6.16 -5.33 5.81
CA ALA A 41 5.57 -5.06 4.49
C ALA A 41 4.42 -4.07 4.60
N GLN A 42 3.65 -4.19 5.67
CA GLN A 42 2.52 -3.30 5.90
C GLN A 42 3.02 -1.89 6.14
N ASP A 43 4.11 -1.78 6.89
CA ASP A 43 4.71 -0.48 7.17
C ASP A 43 5.14 0.12 5.84
N ILE A 44 5.76 -0.74 5.03
CA ILE A 44 6.20 -0.36 3.69
C ILE A 44 4.99 0.10 2.89
N TYR A 45 4.02 -0.78 2.81
CA TYR A 45 2.78 -0.52 2.11
C TYR A 45 2.18 0.82 2.55
N LYS A 46 1.79 0.88 3.81
CA LYS A 46 1.19 2.09 4.36
C LYS A 46 2.07 3.32 4.14
N GLU A 47 3.33 3.24 4.56
CA GLU A 47 4.26 4.37 4.39
C GLU A 47 4.38 4.77 2.94
N ALA A 48 4.34 3.79 2.05
CA ALA A 48 4.44 4.06 0.62
C ALA A 48 3.12 4.63 0.13
N PHE A 49 2.02 4.08 0.63
CA PHE A 49 0.69 4.53 0.26
C PHE A 49 0.51 5.98 0.69
N ASN A 50 0.82 6.27 1.95
CA ASN A 50 0.70 7.63 2.47
C ASN A 50 1.47 8.60 1.61
N SER A 51 2.68 8.23 1.24
CA SER A 51 3.52 9.06 0.38
C SER A 51 2.79 9.40 -0.91
N ALA A 52 2.22 8.38 -1.53
CA ALA A 52 1.48 8.58 -2.77
C ALA A 52 0.20 9.35 -2.48
N TRP A 53 -0.34 9.17 -1.27
CA TRP A 53 -1.55 9.85 -0.83
C TRP A 53 -1.27 11.34 -0.69
N ASP A 54 -0.24 11.69 0.10
CA ASP A 54 0.12 13.08 0.30
C ASP A 54 0.67 13.67 -0.99
N GLN A 55 1.34 12.83 -1.77
CA GLN A 55 1.90 13.26 -3.04
C GLN A 55 0.77 13.57 -4.00
N TYR A 56 -0.38 12.94 -3.77
CA TYR A 56 -1.57 13.15 -4.58
C TYR A 56 -2.21 14.50 -4.25
N LYS A 57 -1.44 15.57 -4.44
CA LYS A 57 -1.92 16.91 -4.17
C LYS A 57 -2.72 17.47 -5.34
N ASP A 58 -2.93 16.62 -6.35
CA ASP A 58 -3.69 17.01 -7.54
C ASP A 58 -5.16 16.68 -7.35
N LYS A 59 -5.42 15.63 -6.58
CA LYS A 59 -6.79 15.20 -6.30
C LYS A 59 -7.30 15.84 -5.02
N GLU A 60 -6.88 17.06 -4.78
CA GLU A 60 -7.29 17.78 -3.57
C GLU A 60 -8.71 18.33 -3.72
N ASP A 61 -9.02 18.86 -4.91
CA ASP A 61 -10.33 19.42 -5.18
C ASP A 61 -11.17 18.53 -6.09
N ARG A 62 -10.78 17.26 -6.22
CA ARG A 62 -11.52 16.33 -7.06
C ARG A 62 -12.32 15.35 -6.22
N ARG A 63 -13.56 15.12 -6.63
CA ARG A 63 -14.46 14.20 -5.94
C ARG A 63 -14.05 12.75 -6.13
N ASP A 64 -13.21 12.50 -7.15
CA ASP A 64 -12.75 11.14 -7.43
C ASP A 64 -11.54 10.78 -6.57
N ASP A 65 -11.66 11.03 -5.27
CA ASP A 65 -10.57 10.73 -4.33
C ASP A 65 -10.22 9.25 -4.38
N ALA A 66 -11.17 8.41 -4.78
CA ALA A 66 -10.92 6.99 -4.87
C ALA A 66 -9.70 6.75 -5.76
N SER A 67 -9.62 7.54 -6.82
CA SER A 67 -8.49 7.46 -7.74
C SER A 67 -7.20 7.63 -6.96
N ARG A 68 -7.18 8.65 -6.12
CA ARG A 68 -6.02 8.92 -5.27
C ARG A 68 -5.72 7.68 -4.43
N GLU A 69 -6.69 7.33 -3.59
CA GLU A 69 -6.56 6.15 -2.74
C GLU A 69 -6.10 4.97 -3.59
N GLU A 70 -6.75 4.81 -4.74
CA GLU A 70 -6.40 3.75 -5.67
C GLU A 70 -4.92 3.84 -6.02
N THR A 71 -4.52 4.97 -6.59
CA THR A 71 -3.12 5.17 -6.96
C THR A 71 -2.20 4.84 -5.79
N ALA A 72 -2.47 5.44 -4.63
CA ALA A 72 -1.66 5.17 -3.46
C ALA A 72 -1.53 3.67 -3.28
N HIS A 73 -2.66 2.96 -3.38
CA HIS A 73 -2.67 1.51 -3.28
C HIS A 73 -1.64 0.95 -4.25
N LYS A 74 -1.69 1.44 -5.49
CA LYS A 74 -0.76 1.02 -6.53
C LYS A 74 0.68 1.33 -6.13
N VAL A 75 0.89 2.52 -5.60
CA VAL A 75 2.22 2.93 -5.16
C VAL A 75 2.70 2.06 -4.02
N ALA A 76 1.95 2.06 -2.93
CA ALA A 76 2.30 1.26 -1.76
C ALA A 76 2.67 -0.15 -2.17
N TRP A 77 1.85 -0.74 -3.03
CA TRP A 77 2.12 -2.08 -3.52
C TRP A 77 3.48 -2.12 -4.20
N ALA A 78 3.74 -1.11 -5.04
CA ALA A 78 5.03 -1.02 -5.74
C ALA A 78 6.17 -1.18 -4.74
N ALA A 79 6.05 -0.52 -3.59
CA ALA A 79 7.06 -0.62 -2.55
C ALA A 79 7.06 -2.03 -2.00
N VAL A 80 5.86 -2.56 -1.78
CA VAL A 80 5.70 -3.91 -1.28
C VAL A 80 6.30 -4.90 -2.27
N LYS A 81 5.91 -4.80 -3.53
CA LYS A 81 6.42 -5.69 -4.57
C LYS A 81 7.94 -5.51 -4.75
N HIS A 82 8.47 -4.41 -4.23
CA HIS A 82 9.89 -4.12 -4.32
C HIS A 82 10.66 -4.81 -3.20
N GLU A 83 10.13 -4.70 -1.99
CA GLU A 83 10.75 -5.30 -0.82
C GLU A 83 10.10 -6.64 -0.47
N TYR A 84 8.96 -6.93 -1.10
CA TYR A 84 8.23 -8.16 -0.84
C TYR A 84 7.78 -8.84 -2.14
N ALA A 85 7.72 -10.17 -2.10
CA ALA A 85 7.32 -10.96 -3.25
C ALA A 85 6.13 -11.86 -2.93
N LYS A 86 5.25 -12.07 -3.91
CA LYS A 86 4.10 -12.94 -3.70
C LYS A 86 4.43 -14.36 -4.14
N GLY A 87 4.36 -15.30 -3.22
CA GLY A 87 4.66 -16.67 -3.57
C GLY A 87 3.69 -17.20 -4.60
N ASP A 88 3.70 -18.51 -4.82
CA ASP A 88 2.80 -19.09 -5.81
C ASP A 88 1.43 -19.44 -5.23
N ASP A 89 0.97 -18.65 -4.25
CA ASP A 89 -0.34 -18.88 -3.67
C ASP A 89 -1.18 -17.62 -3.71
N ASP A 90 -0.93 -16.76 -2.76
CA ASP A 90 -1.61 -15.48 -2.63
C ASP A 90 -1.07 -14.75 -1.42
N LYS A 91 0.18 -15.05 -1.11
CA LYS A 91 0.84 -14.45 0.03
C LYS A 91 2.18 -13.84 -0.38
N TRP A 92 2.68 -12.92 0.43
CA TRP A 92 3.95 -12.26 0.13
C TRP A 92 5.01 -12.49 1.19
N HIS A 93 6.26 -12.34 0.77
CA HIS A 93 7.42 -12.48 1.66
C HIS A 93 8.48 -11.47 1.26
N LYS A 94 9.14 -10.84 2.23
CA LYS A 94 10.13 -9.82 1.94
C LYS A 94 11.23 -10.31 1.01
N LYS A 95 11.33 -9.63 -0.12
CA LYS A 95 12.33 -9.93 -1.13
C LYS A 95 13.67 -9.30 -0.73
N SER A 96 13.81 -8.02 -1.04
CA SER A 96 15.04 -7.28 -0.73
C SER A 96 14.97 -6.67 0.68
N PRO A 22 -5.94 6.98 4.76
CA PRO A 22 -6.69 5.78 5.12
C PRO A 22 -5.92 4.90 6.09
N TYR A 23 -4.60 5.10 6.16
CA TYR A 23 -3.76 4.32 7.04
C TYR A 23 -3.12 5.21 8.10
N LYS A 24 -3.01 4.71 9.31
CA LYS A 24 -2.43 5.49 10.40
C LYS A 24 -1.20 4.83 11.01
N THR A 25 -1.26 3.51 11.20
CA THR A 25 -0.13 2.79 11.77
C THR A 25 0.31 1.64 10.86
N LYS A 26 -0.62 0.73 10.59
CA LYS A 26 -0.35 -0.43 9.74
C LYS A 26 -1.57 -1.34 9.70
N SER A 27 -2.11 -1.66 10.87
CA SER A 27 -3.29 -2.52 10.96
C SER A 27 -4.45 -1.96 10.13
N ASP A 28 -4.44 -0.64 9.94
CA ASP A 28 -5.49 0.02 9.15
C ASP A 28 -5.47 -0.45 7.70
N LEU A 29 -4.36 -1.07 7.29
CA LEU A 29 -4.24 -1.56 5.92
C LEU A 29 -5.38 -2.49 5.56
N PRO A 30 -5.57 -2.75 4.25
CA PRO A 30 -6.63 -3.62 3.75
C PRO A 30 -6.45 -5.08 4.17
N GLU A 31 -7.55 -5.70 4.58
CA GLU A 31 -7.52 -7.08 5.01
C GLU A 31 -6.84 -7.96 3.96
N SER A 32 -7.20 -7.76 2.69
CA SER A 32 -6.61 -8.53 1.60
C SER A 32 -5.11 -8.22 1.49
N VAL A 33 -4.67 -7.17 2.16
CA VAL A 33 -3.28 -6.77 2.16
C VAL A 33 -2.57 -7.37 3.36
N LYS A 34 -3.13 -7.13 4.54
CA LYS A 34 -2.56 -7.64 5.79
C LYS A 34 -2.63 -9.17 5.84
N HIS A 35 -3.60 -9.74 5.14
CA HIS A 35 -3.79 -11.21 5.11
C HIS A 35 -2.86 -11.87 4.10
N VAL A 36 -1.82 -11.15 3.71
CA VAL A 36 -0.85 -11.66 2.74
C VAL A 36 0.52 -11.05 3.01
N LEU A 37 0.54 -9.80 3.46
CA LEU A 37 1.78 -9.13 3.77
C LEU A 37 2.32 -9.61 5.11
N PRO A 38 3.60 -9.96 5.12
CA PRO A 38 4.30 -10.49 6.30
C PRO A 38 4.21 -9.57 7.52
N SER A 39 5.09 -8.57 7.62
CA SER A 39 5.09 -7.67 8.76
C SER A 39 5.53 -6.26 8.37
N HIS A 40 6.83 -6.10 8.14
CA HIS A 40 7.38 -4.80 7.74
C HIS A 40 6.81 -4.37 6.39
N ALA A 41 6.13 -5.29 5.70
CA ALA A 41 5.54 -4.99 4.40
C ALA A 41 4.36 -4.04 4.56
N GLN A 42 3.71 -4.10 5.71
CA GLN A 42 2.57 -3.23 5.98
C GLN A 42 3.07 -1.82 6.25
N ASP A 43 4.19 -1.72 6.96
CA ASP A 43 4.80 -0.43 7.22
C ASP A 43 5.26 0.16 5.89
N ILE A 44 5.79 -0.74 5.06
CA ILE A 44 6.25 -0.39 3.73
C ILE A 44 5.05 0.03 2.89
N TYR A 45 4.07 -0.87 2.85
CA TYR A 45 2.84 -0.65 2.11
C TYR A 45 2.18 0.66 2.53
N LYS A 46 2.04 0.86 3.83
CA LYS A 46 1.42 2.06 4.37
C LYS A 46 2.24 3.31 4.05
N GLU A 47 3.53 3.27 4.36
CA GLU A 47 4.40 4.41 4.13
C GLU A 47 4.46 4.78 2.65
N ALA A 48 4.34 3.79 1.78
CA ALA A 48 4.36 4.03 0.35
C ALA A 48 3.00 4.59 -0.09
N PHE A 49 1.94 4.07 0.50
CA PHE A 49 0.60 4.53 0.20
C PHE A 49 0.45 5.99 0.60
N ASN A 50 0.77 6.29 1.86
CA ASN A 50 0.67 7.65 2.37
C ASN A 50 1.47 8.61 1.49
N SER A 51 2.67 8.21 1.13
CA SER A 51 3.53 9.04 0.29
C SER A 51 2.80 9.38 -1.01
N ALA A 52 2.19 8.38 -1.62
CA ALA A 52 1.44 8.59 -2.85
C ALA A 52 0.16 9.33 -2.55
N TRP A 53 -0.37 9.14 -1.35
CA TRP A 53 -1.59 9.80 -0.91
C TRP A 53 -1.33 11.30 -0.77
N ASP A 54 -0.34 11.64 0.03
CA ASP A 54 0.03 13.04 0.24
C ASP A 54 0.57 13.64 -1.05
N GLN A 55 1.28 12.81 -1.82
CA GLN A 55 1.85 13.27 -3.09
C GLN A 55 0.73 13.55 -4.09
N TYR A 56 -0.40 12.90 -3.86
CA TYR A 56 -1.57 13.07 -4.72
C TYR A 56 -2.23 14.43 -4.48
N LYS A 57 -1.44 15.49 -4.61
CA LYS A 57 -1.94 16.84 -4.43
C LYS A 57 -2.66 17.34 -5.67
N ASP A 58 -2.69 16.49 -6.71
CA ASP A 58 -3.36 16.84 -7.95
C ASP A 58 -4.85 16.57 -7.85
N LYS A 59 -5.19 15.44 -7.22
CA LYS A 59 -6.59 15.05 -7.04
C LYS A 59 -7.07 15.38 -5.63
N GLU A 60 -6.58 16.49 -5.10
CA GLU A 60 -6.95 16.92 -3.75
C GLU A 60 -8.31 17.62 -3.76
N ASP A 61 -8.57 18.41 -4.79
CA ASP A 61 -9.83 19.13 -4.91
C ASP A 61 -10.72 18.51 -5.98
N ARG A 62 -10.53 17.21 -6.21
CA ARG A 62 -11.31 16.49 -7.19
C ARG A 62 -12.33 15.58 -6.52
N ARG A 63 -13.48 15.46 -7.15
CA ARG A 63 -14.55 14.60 -6.66
C ARG A 63 -14.13 13.13 -6.75
N ASP A 64 -13.10 12.87 -7.56
CA ASP A 64 -12.61 11.51 -7.75
C ASP A 64 -11.47 11.19 -6.78
N ASP A 65 -11.69 11.50 -5.50
CA ASP A 65 -10.69 11.24 -4.48
C ASP A 65 -10.32 9.76 -4.42
N ALA A 66 -11.28 8.91 -4.77
CA ALA A 66 -11.04 7.47 -4.77
C ALA A 66 -9.83 7.14 -5.62
N SER A 67 -9.71 7.80 -6.78
CA SER A 67 -8.59 7.60 -7.66
C SER A 67 -7.29 7.76 -6.88
N ARG A 68 -7.25 8.81 -6.07
CA ARG A 68 -6.08 9.07 -5.23
C ARG A 68 -5.81 7.83 -4.38
N GLU A 69 -6.76 7.50 -3.52
CA GLU A 69 -6.64 6.33 -2.67
C GLU A 69 -6.22 5.13 -3.50
N GLU A 70 -6.91 4.95 -4.64
CA GLU A 70 -6.60 3.88 -5.56
C GLU A 70 -5.12 3.90 -5.93
N THR A 71 -4.68 5.01 -6.52
CA THR A 71 -3.28 5.15 -6.92
C THR A 71 -2.36 4.80 -5.75
N ALA A 72 -2.62 5.40 -4.59
CA ALA A 72 -1.81 5.12 -3.42
C ALA A 72 -1.68 3.61 -3.22
N HIS A 73 -2.81 2.92 -3.32
CA HIS A 73 -2.83 1.46 -3.21
C HIS A 73 -1.82 0.89 -4.20
N LYS A 74 -1.91 1.36 -5.45
CA LYS A 74 -1.03 0.92 -6.52
C LYS A 74 0.43 1.20 -6.18
N VAL A 75 0.69 2.41 -5.68
CA VAL A 75 2.04 2.79 -5.31
C VAL A 75 2.53 1.95 -4.14
N ALA A 76 1.78 2.01 -3.04
CA ALA A 76 2.13 1.24 -1.85
C ALA A 76 2.52 -0.18 -2.21
N TRP A 77 1.72 -0.80 -3.07
CA TRP A 77 2.00 -2.16 -3.51
C TRP A 77 3.36 -2.19 -4.19
N ALA A 78 3.63 -1.19 -5.02
CA ALA A 78 4.90 -1.10 -5.71
C ALA A 78 6.05 -1.27 -4.72
N ALA A 79 5.93 -0.57 -3.59
CA ALA A 79 6.92 -0.67 -2.53
C ALA A 79 6.94 -2.09 -2.00
N VAL A 80 5.74 -2.63 -1.77
CA VAL A 80 5.60 -3.98 -1.28
C VAL A 80 6.23 -4.97 -2.26
N LYS A 81 5.84 -4.90 -3.53
CA LYS A 81 6.38 -5.80 -4.54
C LYS A 81 7.89 -5.61 -4.70
N HIS A 82 8.40 -4.49 -4.19
CA HIS A 82 9.83 -4.18 -4.27
C HIS A 82 10.59 -4.85 -3.13
N GLU A 83 10.08 -4.67 -1.91
CA GLU A 83 10.69 -5.24 -0.72
C GLU A 83 10.07 -6.59 -0.38
N TYR A 84 8.97 -6.92 -1.05
CA TYR A 84 8.27 -8.17 -0.81
C TYR A 84 7.89 -8.86 -2.12
N ALA A 85 7.88 -10.20 -2.08
CA ALA A 85 7.55 -11.01 -3.24
C ALA A 85 6.38 -11.94 -2.94
N LYS A 86 5.55 -12.20 -3.95
CA LYS A 86 4.42 -13.11 -3.79
C LYS A 86 4.86 -14.51 -4.18
N GLY A 87 4.66 -15.48 -3.29
CA GLY A 87 5.07 -16.83 -3.59
C GLY A 87 4.12 -17.50 -4.55
N ASP A 88 4.24 -18.82 -4.71
CA ASP A 88 3.37 -19.55 -5.62
C ASP A 88 1.91 -19.57 -5.13
N ASP A 89 1.51 -18.56 -4.38
CA ASP A 89 0.14 -18.46 -3.89
C ASP A 89 -0.26 -16.99 -3.87
N ASP A 90 -1.22 -16.64 -3.04
CA ASP A 90 -1.66 -15.25 -2.96
C ASP A 90 -1.12 -14.61 -1.70
N LYS A 91 0.10 -14.98 -1.33
CA LYS A 91 0.76 -14.44 -0.17
C LYS A 91 2.14 -13.89 -0.54
N TRP A 92 2.67 -13.01 0.28
CA TRP A 92 3.97 -12.41 -0.01
C TRP A 92 4.98 -12.61 1.12
N HIS A 93 6.26 -12.45 0.75
CA HIS A 93 7.38 -12.56 1.68
C HIS A 93 8.43 -11.51 1.33
N LYS A 94 9.02 -10.87 2.34
CA LYS A 94 10.00 -9.81 2.07
C LYS A 94 11.17 -10.29 1.22
N LYS A 95 11.36 -9.57 0.13
CA LYS A 95 12.43 -9.83 -0.80
C LYS A 95 13.73 -9.20 -0.27
N SER A 96 13.86 -7.90 -0.50
CA SER A 96 15.03 -7.16 -0.05
C SER A 96 15.13 -7.17 1.47
N PRO A 22 -6.18 6.75 4.50
CA PRO A 22 -6.90 5.52 4.84
C PRO A 22 -6.13 4.67 5.86
N TYR A 23 -4.83 4.96 6.00
CA TYR A 23 -3.98 4.23 6.93
C TYR A 23 -3.46 5.18 8.01
N LYS A 24 -3.40 4.71 9.24
CA LYS A 24 -2.93 5.55 10.34
C LYS A 24 -1.70 4.97 11.03
N THR A 25 -1.68 3.66 11.21
CA THR A 25 -0.54 3.02 11.87
C THR A 25 0.04 1.91 11.00
N LYS A 26 -0.81 0.95 10.64
CA LYS A 26 -0.41 -0.18 9.81
C LYS A 26 -1.57 -1.17 9.70
N SER A 27 -2.12 -1.56 10.84
CA SER A 27 -3.24 -2.49 10.87
C SER A 27 -4.40 -1.95 10.04
N ASP A 28 -4.41 -0.63 9.85
CA ASP A 28 -5.46 0.02 9.07
C ASP A 28 -5.46 -0.48 7.62
N LEU A 29 -4.36 -1.08 7.20
CA LEU A 29 -4.24 -1.59 5.84
C LEU A 29 -5.38 -2.55 5.51
N PRO A 30 -5.60 -2.81 4.20
CA PRO A 30 -6.66 -3.70 3.73
C PRO A 30 -6.43 -5.15 4.13
N GLU A 31 -7.49 -5.82 4.55
CA GLU A 31 -7.41 -7.22 4.95
C GLU A 31 -6.69 -8.04 3.89
N SER A 32 -7.13 -7.92 2.64
CA SER A 32 -6.51 -8.64 1.53
C SER A 32 -5.03 -8.30 1.43
N VAL A 33 -4.63 -7.23 2.12
CA VAL A 33 -3.25 -6.80 2.12
C VAL A 33 -2.53 -7.38 3.34
N LYS A 34 -3.09 -7.12 4.52
CA LYS A 34 -2.51 -7.60 5.77
C LYS A 34 -2.55 -9.13 5.85
N HIS A 35 -3.53 -9.74 5.18
CA HIS A 35 -3.68 -11.19 5.19
C HIS A 35 -2.76 -11.87 4.18
N VAL A 36 -1.84 -11.10 3.63
CA VAL A 36 -0.90 -11.60 2.64
C VAL A 36 0.48 -10.98 2.83
N LEU A 37 0.49 -9.73 3.29
CA LEU A 37 1.74 -9.01 3.51
C LEU A 37 2.29 -9.24 4.90
N PRO A 38 3.57 -9.58 4.96
CA PRO A 38 4.29 -9.83 6.22
C PRO A 38 4.32 -8.57 7.08
N SER A 39 4.91 -8.67 8.27
CA SER A 39 4.97 -7.54 9.20
C SER A 39 5.54 -6.27 8.56
N HIS A 40 6.84 -6.22 8.35
CA HIS A 40 7.50 -5.05 7.78
C HIS A 40 6.93 -4.64 6.42
N ALA A 41 6.22 -5.54 5.75
CA ALA A 41 5.64 -5.24 4.44
C ALA A 41 4.48 -4.26 4.56
N GLN A 42 3.76 -4.36 5.65
CA GLN A 42 2.63 -3.49 5.90
C GLN A 42 3.10 -2.07 6.17
N ASP A 43 4.21 -1.97 6.93
CA ASP A 43 4.80 -0.67 7.20
C ASP A 43 5.26 -0.06 5.89
N ILE A 44 5.83 -0.93 5.05
CA ILE A 44 6.29 -0.55 3.72
C ILE A 44 5.09 -0.08 2.92
N TYR A 45 4.08 -0.93 2.88
CA TYR A 45 2.85 -0.66 2.16
C TYR A 45 2.26 0.68 2.59
N LYS A 46 1.81 0.76 3.84
CA LYS A 46 1.22 1.97 4.37
C LYS A 46 2.10 3.20 4.12
N GLU A 47 3.37 3.11 4.50
CA GLU A 47 4.29 4.23 4.33
C GLU A 47 4.40 4.62 2.87
N ALA A 48 4.37 3.64 1.98
CA ALA A 48 4.45 3.91 0.55
C ALA A 48 3.13 4.49 0.07
N PHE A 49 2.04 3.95 0.60
CA PHE A 49 0.70 4.42 0.26
C PHE A 49 0.57 5.88 0.66
N ASN A 50 0.86 6.18 1.92
CA ASN A 50 0.78 7.55 2.44
C ASN A 50 1.49 8.52 1.52
N SER A 51 2.71 8.17 1.10
CA SER A 51 3.48 9.03 0.22
C SER A 51 2.71 9.32 -1.05
N ALA A 52 2.11 8.29 -1.63
CA ALA A 52 1.32 8.45 -2.84
C ALA A 52 0.04 9.21 -2.52
N TRP A 53 -0.45 9.04 -1.31
CA TRP A 53 -1.66 9.72 -0.85
C TRP A 53 -1.42 11.22 -0.78
N ASP A 54 -0.35 11.62 -0.08
CA ASP A 54 0.00 13.02 0.07
C ASP A 54 0.48 13.61 -1.25
N GLN A 55 1.09 12.76 -2.08
CA GLN A 55 1.57 13.20 -3.38
C GLN A 55 0.41 13.56 -4.29
N TYR A 56 -0.74 12.97 -3.98
CA TYR A 56 -1.95 13.21 -4.75
C TYR A 56 -2.61 14.54 -4.37
N LYS A 57 -1.84 15.62 -4.45
CA LYS A 57 -2.35 16.95 -4.13
C LYS A 57 -2.89 17.64 -5.38
N ASP A 58 -3.04 16.86 -6.45
CA ASP A 58 -3.56 17.37 -7.71
C ASP A 58 -5.04 17.01 -7.86
N LYS A 59 -5.42 15.88 -7.25
CA LYS A 59 -6.79 15.40 -7.30
C LYS A 59 -7.55 15.85 -6.07
N GLU A 60 -7.24 17.06 -5.61
CA GLU A 60 -7.89 17.62 -4.43
C GLU A 60 -9.11 18.45 -4.84
N ASP A 61 -9.02 19.07 -6.02
CA ASP A 61 -10.11 19.89 -6.54
C ASP A 61 -11.16 19.04 -7.21
N ARG A 62 -10.78 17.83 -7.61
CA ARG A 62 -11.70 16.92 -8.25
C ARG A 62 -12.25 15.92 -7.25
N ARG A 63 -13.54 15.63 -7.37
CA ARG A 63 -14.23 14.71 -6.47
C ARG A 63 -13.73 13.27 -6.62
N ASP A 64 -12.87 13.04 -7.61
CA ASP A 64 -12.31 11.73 -7.85
C ASP A 64 -11.17 11.41 -6.88
N ASP A 65 -11.37 11.74 -5.61
CA ASP A 65 -10.37 11.48 -4.59
C ASP A 65 -10.09 9.99 -4.47
N ALA A 66 -11.07 9.17 -4.80
CA ALA A 66 -10.91 7.71 -4.73
C ALA A 66 -9.69 7.30 -5.53
N SER A 67 -9.49 7.98 -6.66
CA SER A 67 -8.34 7.72 -7.52
C SER A 67 -7.07 7.84 -6.71
N ARG A 68 -7.05 8.86 -5.86
CA ARG A 68 -5.90 9.10 -4.98
C ARG A 68 -5.66 7.83 -4.17
N GLU A 69 -6.65 7.47 -3.36
CA GLU A 69 -6.57 6.27 -2.56
C GLU A 69 -6.14 5.10 -3.42
N GLU A 70 -6.88 4.89 -4.52
CA GLU A 70 -6.58 3.84 -5.46
C GLU A 70 -5.10 3.87 -5.84
N THR A 71 -4.67 4.97 -6.45
CA THR A 71 -3.27 5.10 -6.86
C THR A 71 -2.35 4.78 -5.70
N ALA A 72 -2.61 5.38 -4.54
CA ALA A 72 -1.80 5.12 -3.36
C ALA A 72 -1.66 3.61 -3.16
N HIS A 73 -2.78 2.90 -3.33
CA HIS A 73 -2.78 1.45 -3.24
C HIS A 73 -1.76 0.90 -4.22
N LYS A 74 -1.84 1.38 -5.47
CA LYS A 74 -0.94 0.97 -6.53
C LYS A 74 0.51 1.27 -6.17
N VAL A 75 0.73 2.44 -5.57
CA VAL A 75 2.08 2.84 -5.18
C VAL A 75 2.58 1.98 -4.03
N ALA A 76 1.83 1.97 -2.93
CA ALA A 76 2.20 1.18 -1.76
C ALA A 76 2.59 -0.23 -2.16
N TRP A 77 1.77 -0.84 -3.02
CA TRP A 77 2.06 -2.18 -3.49
C TRP A 77 3.41 -2.19 -4.19
N ALA A 78 3.66 -1.18 -5.03
CA ALA A 78 4.93 -1.06 -5.73
C ALA A 78 6.09 -1.23 -4.75
N ALA A 79 5.98 -0.55 -3.61
CA ALA A 79 6.99 -0.64 -2.56
C ALA A 79 7.02 -2.05 -2.03
N VAL A 80 5.83 -2.60 -1.80
CA VAL A 80 5.69 -3.95 -1.30
C VAL A 80 6.32 -4.94 -2.28
N LYS A 81 5.95 -4.84 -3.56
CA LYS A 81 6.50 -5.73 -4.57
C LYS A 81 8.00 -5.53 -4.75
N HIS A 82 8.51 -4.42 -4.22
CA HIS A 82 9.93 -4.12 -4.32
C HIS A 82 10.70 -4.80 -3.19
N GLU A 83 10.18 -4.67 -1.97
CA GLU A 83 10.79 -5.25 -0.79
C GLU A 83 10.16 -6.60 -0.45
N TYR A 84 9.03 -6.89 -1.08
CA TYR A 84 8.32 -8.15 -0.82
C TYR A 84 7.89 -8.83 -2.12
N ALA A 85 7.85 -10.16 -2.08
CA ALA A 85 7.45 -10.97 -3.23
C ALA A 85 6.26 -11.86 -2.90
N LYS A 86 5.38 -12.07 -3.88
CA LYS A 86 4.23 -12.94 -3.68
C LYS A 86 4.57 -14.35 -4.12
N GLY A 87 4.51 -15.29 -3.18
CA GLY A 87 4.82 -16.66 -3.53
C GLY A 87 3.85 -17.22 -4.56
N ASP A 88 3.87 -18.52 -4.79
CA ASP A 88 3.00 -19.14 -5.76
C ASP A 88 1.62 -19.46 -5.19
N ASP A 89 1.15 -18.66 -4.23
CA ASP A 89 -0.17 -18.89 -3.65
C ASP A 89 -0.99 -17.62 -3.69
N ASP A 90 -0.79 -16.78 -2.71
CA ASP A 90 -1.47 -15.50 -2.60
C ASP A 90 -0.94 -14.77 -1.38
N LYS A 91 0.31 -15.07 -1.04
CA LYS A 91 0.97 -14.46 0.10
C LYS A 91 2.28 -13.84 -0.32
N TRP A 92 2.77 -12.92 0.49
CA TRP A 92 4.02 -12.23 0.18
C TRP A 92 5.11 -12.47 1.23
N HIS A 93 6.37 -12.34 0.79
CA HIS A 93 7.52 -12.50 1.66
C HIS A 93 8.59 -11.48 1.25
N LYS A 94 9.22 -10.84 2.24
CA LYS A 94 10.22 -9.81 1.94
C LYS A 94 11.32 -10.28 1.02
N LYS A 95 11.43 -9.57 -0.10
CA LYS A 95 12.45 -9.84 -1.09
C LYS A 95 13.76 -9.19 -0.68
N SER A 96 13.87 -7.90 -0.99
CA SER A 96 15.06 -7.12 -0.65
C SER A 96 15.11 -6.80 0.84
N PRO A 22 -5.90 6.95 4.74
CA PRO A 22 -6.70 5.77 5.08
C PRO A 22 -6.00 4.86 6.09
N TYR A 23 -4.70 5.07 6.24
CA TYR A 23 -3.90 4.27 7.17
C TYR A 23 -3.32 5.17 8.26
N LYS A 24 -3.24 4.65 9.48
CA LYS A 24 -2.70 5.44 10.60
C LYS A 24 -1.49 4.78 11.25
N THR A 25 -1.49 3.46 11.37
CA THR A 25 -0.37 2.76 11.98
C THR A 25 0.17 1.66 11.05
N LYS A 26 -0.68 0.67 10.79
CA LYS A 26 -0.30 -0.45 9.92
C LYS A 26 -1.47 -1.42 9.79
N SER A 27 -2.06 -1.79 10.93
CA SER A 27 -3.19 -2.70 10.93
C SER A 27 -4.37 -2.10 10.17
N ASP A 28 -4.33 -0.77 9.98
CA ASP A 28 -5.40 -0.07 9.27
C ASP A 28 -5.41 -0.47 7.79
N LEU A 29 -4.32 -1.07 7.33
CA LEU A 29 -4.22 -1.49 5.94
C LEU A 29 -5.39 -2.41 5.56
N PRO A 30 -5.59 -2.63 4.25
CA PRO A 30 -6.67 -3.47 3.75
C PRO A 30 -6.49 -4.92 4.12
N GLU A 31 -7.59 -5.57 4.49
CA GLU A 31 -7.55 -6.98 4.86
C GLU A 31 -6.82 -7.80 3.80
N SER A 32 -7.21 -7.62 2.54
CA SER A 32 -6.58 -8.33 1.43
C SER A 32 -5.09 -8.00 1.35
N VAL A 33 -4.68 -6.97 2.08
CA VAL A 33 -3.29 -6.55 2.11
C VAL A 33 -2.60 -7.15 3.33
N LYS A 34 -3.21 -6.94 4.50
CA LYS A 34 -2.67 -7.47 5.75
C LYS A 34 -2.75 -9.00 5.77
N HIS A 35 -3.72 -9.55 5.03
CA HIS A 35 -3.90 -11.01 4.96
C HIS A 35 -2.96 -11.65 3.95
N VAL A 36 -1.96 -10.89 3.52
CA VAL A 36 -0.99 -11.36 2.55
C VAL A 36 0.39 -10.79 2.85
N LEU A 37 0.42 -9.62 3.47
CA LEU A 37 1.68 -8.98 3.83
C LEU A 37 2.19 -9.48 5.17
N PRO A 38 3.46 -9.87 5.19
CA PRO A 38 4.14 -10.41 6.38
C PRO A 38 4.10 -9.47 7.59
N SER A 39 5.01 -8.51 7.65
CA SER A 39 5.06 -7.57 8.77
C SER A 39 5.56 -6.20 8.32
N HIS A 40 6.86 -6.11 8.07
CA HIS A 40 7.46 -4.86 7.63
C HIS A 40 6.89 -4.43 6.28
N ALA A 41 6.19 -5.33 5.61
CA ALA A 41 5.58 -5.04 4.32
C ALA A 41 4.41 -4.07 4.48
N GLN A 42 3.73 -4.17 5.61
CA GLN A 42 2.60 -3.31 5.90
C GLN A 42 3.08 -1.89 6.19
N ASP A 43 4.22 -1.79 6.87
CA ASP A 43 4.81 -0.50 7.16
C ASP A 43 5.27 0.10 5.85
N ILE A 44 5.85 -0.78 5.02
CA ILE A 44 6.30 -0.41 3.70
C ILE A 44 5.11 0.04 2.89
N TYR A 45 4.12 -0.83 2.84
CA TYR A 45 2.88 -0.57 2.14
C TYR A 45 2.27 0.75 2.58
N LYS A 46 1.92 0.84 3.87
CA LYS A 46 1.32 2.04 4.43
C LYS A 46 2.18 3.28 4.15
N GLU A 47 3.47 3.21 4.47
CA GLU A 47 4.37 4.33 4.26
C GLU A 47 4.44 4.72 2.79
N ALA A 48 4.42 3.72 1.91
CA ALA A 48 4.48 3.97 0.47
C ALA A 48 3.15 4.52 0.00
N PHE A 49 2.06 3.95 0.53
CA PHE A 49 0.72 4.39 0.19
C PHE A 49 0.56 5.86 0.57
N ASN A 50 0.91 6.17 1.82
CA ASN A 50 0.81 7.54 2.32
C ASN A 50 1.51 8.52 1.40
N SER A 51 2.71 8.14 0.94
CA SER A 51 3.49 8.98 0.05
C SER A 51 2.69 9.33 -1.19
N ALA A 52 2.07 8.32 -1.79
CA ALA A 52 1.26 8.54 -2.98
C ALA A 52 0.01 9.33 -2.63
N TRP A 53 -0.47 9.14 -1.40
CA TRP A 53 -1.66 9.85 -0.93
C TRP A 53 -1.34 11.33 -0.82
N ASP A 54 -0.29 11.67 -0.08
CA ASP A 54 0.13 13.05 0.09
C ASP A 54 0.60 13.62 -1.24
N GLN A 55 1.18 12.76 -2.07
CA GLN A 55 1.65 13.16 -3.38
C GLN A 55 0.46 13.51 -4.26
N TYR A 56 -0.67 12.91 -3.95
CA TYR A 56 -1.90 13.14 -4.68
C TYR A 56 -2.51 14.48 -4.30
N LYS A 57 -1.74 15.54 -4.48
CA LYS A 57 -2.20 16.90 -4.15
C LYS A 57 -3.02 17.48 -5.29
N ASP A 58 -3.25 16.66 -6.33
CA ASP A 58 -4.03 17.10 -7.48
C ASP A 58 -5.50 16.74 -7.29
N LYS A 59 -5.73 15.56 -6.73
CA LYS A 59 -7.07 15.06 -6.49
C LYS A 59 -7.49 15.28 -5.04
N GLU A 60 -7.22 16.47 -4.55
CA GLU A 60 -7.57 16.83 -3.18
C GLU A 60 -8.99 17.36 -3.08
N ASP A 61 -9.40 18.13 -4.07
CA ASP A 61 -10.75 18.71 -4.09
C ASP A 61 -11.64 18.01 -5.11
N ARG A 62 -11.30 16.78 -5.45
CA ARG A 62 -12.06 16.02 -6.43
C ARG A 62 -12.89 14.94 -5.74
N ARG A 63 -14.09 14.75 -6.27
CA ARG A 63 -15.01 13.75 -5.73
C ARG A 63 -14.49 12.34 -5.95
N ASP A 64 -13.59 12.18 -6.91
CA ASP A 64 -13.03 10.87 -7.22
C ASP A 64 -11.80 10.58 -6.35
N ASP A 65 -11.91 10.85 -5.06
CA ASP A 65 -10.80 10.61 -4.13
C ASP A 65 -10.38 9.14 -4.18
N ALA A 66 -11.31 8.28 -4.56
CA ALA A 66 -11.00 6.86 -4.66
C ALA A 66 -9.80 6.65 -5.55
N SER A 67 -9.76 7.40 -6.65
CA SER A 67 -8.64 7.33 -7.58
C SER A 67 -7.34 7.53 -6.83
N ARG A 68 -7.33 8.57 -6.00
CA ARG A 68 -6.17 8.88 -5.17
C ARG A 68 -5.81 7.64 -4.36
N GLU A 69 -6.74 7.23 -3.50
CA GLU A 69 -6.55 6.06 -2.68
C GLU A 69 -6.07 4.90 -3.54
N GLU A 70 -6.76 4.71 -4.66
CA GLU A 70 -6.41 3.67 -5.61
C GLU A 70 -4.94 3.77 -5.97
N THR A 71 -4.54 4.92 -6.51
CA THR A 71 -3.15 5.14 -6.88
C THR A 71 -2.22 4.79 -5.73
N ALA A 72 -2.49 5.35 -4.56
CA ALA A 72 -1.67 5.05 -3.40
C ALA A 72 -1.56 3.54 -3.23
N HIS A 73 -2.69 2.86 -3.40
CA HIS A 73 -2.71 1.40 -3.32
C HIS A 73 -1.68 0.86 -4.30
N LYS A 74 -1.73 1.37 -5.53
CA LYS A 74 -0.82 0.98 -6.59
C LYS A 74 0.62 1.28 -6.21
N VAL A 75 0.84 2.45 -5.63
CA VAL A 75 2.18 2.86 -5.22
C VAL A 75 2.67 1.99 -4.08
N ALA A 76 1.93 1.99 -2.98
CA ALA A 76 2.28 1.21 -1.81
C ALA A 76 2.70 -0.21 -2.20
N TRP A 77 1.88 -0.83 -3.04
CA TRP A 77 2.19 -2.18 -3.52
C TRP A 77 3.55 -2.17 -4.20
N ALA A 78 3.79 -1.15 -5.04
CA ALA A 78 5.06 -1.03 -5.74
C ALA A 78 6.21 -1.19 -4.75
N ALA A 79 6.08 -0.53 -3.60
CA ALA A 79 7.08 -0.62 -2.55
C ALA A 79 7.10 -2.04 -2.01
N VAL A 80 5.91 -2.58 -1.82
CA VAL A 80 5.76 -3.94 -1.32
C VAL A 80 6.39 -4.94 -2.28
N LYS A 81 6.05 -4.85 -3.56
CA LYS A 81 6.59 -5.77 -4.56
C LYS A 81 8.11 -5.60 -4.72
N HIS A 82 8.64 -4.51 -4.17
CA HIS A 82 10.07 -4.23 -4.25
C HIS A 82 10.81 -4.91 -3.09
N GLU A 83 10.28 -4.72 -1.89
CA GLU A 83 10.87 -5.31 -0.68
C GLU A 83 10.23 -6.63 -0.34
N TYR A 84 9.10 -6.92 -0.96
CA TYR A 84 8.36 -8.15 -0.72
C TYR A 84 7.94 -8.81 -2.03
N ALA A 85 7.86 -10.14 -2.00
CA ALA A 85 7.47 -10.91 -3.17
C ALA A 85 6.26 -11.78 -2.88
N LYS A 86 5.36 -11.92 -3.85
CA LYS A 86 4.19 -12.77 -3.67
C LYS A 86 4.51 -14.18 -4.10
N GLY A 87 4.41 -15.12 -3.19
CA GLY A 87 4.70 -16.50 -3.55
C GLY A 87 3.75 -17.00 -4.61
N ASP A 88 3.81 -18.29 -4.91
CA ASP A 88 2.94 -18.86 -5.92
C ASP A 88 1.55 -19.19 -5.38
N ASP A 89 1.07 -18.40 -4.42
CA ASP A 89 -0.27 -18.63 -3.87
C ASP A 89 -1.09 -17.35 -3.92
N ASP A 90 -0.90 -16.52 -2.92
CA ASP A 90 -1.57 -15.25 -2.81
C ASP A 90 -1.07 -14.53 -1.57
N LYS A 91 0.18 -14.83 -1.23
CA LYS A 91 0.82 -14.25 -0.08
C LYS A 91 2.16 -13.65 -0.45
N TRP A 92 2.65 -12.75 0.38
CA TRP A 92 3.92 -12.08 0.12
C TRP A 92 4.98 -12.40 1.18
N HIS A 93 6.23 -12.28 0.78
CA HIS A 93 7.38 -12.51 1.65
C HIS A 93 8.46 -11.49 1.32
N LYS A 94 9.07 -10.89 2.34
CA LYS A 94 10.09 -9.87 2.08
C LYS A 94 11.22 -10.36 1.21
N LYS A 95 11.40 -9.67 0.10
CA LYS A 95 12.45 -9.95 -0.84
C LYS A 95 13.76 -9.34 -0.34
N SER A 96 13.94 -8.05 -0.60
CA SER A 96 15.14 -7.34 -0.19
C SER A 96 15.19 -7.18 1.33
N PRO A 22 -6.10 6.84 4.55
CA PRO A 22 -6.87 5.64 4.87
C PRO A 22 -6.16 4.76 5.89
N TYR A 23 -4.86 4.97 6.04
CA TYR A 23 -4.05 4.19 6.99
C TYR A 23 -3.49 5.09 8.06
N LYS A 24 -3.44 4.60 9.30
CA LYS A 24 -2.94 5.39 10.40
C LYS A 24 -1.71 4.79 11.05
N THR A 25 -1.69 3.46 11.23
CA THR A 25 -0.55 2.80 11.84
C THR A 25 -0.03 1.68 10.95
N LYS A 26 -0.88 0.69 10.70
CA LYS A 26 -0.53 -0.46 9.86
C LYS A 26 -1.73 -1.40 9.74
N SER A 27 -2.30 -1.76 10.89
CA SER A 27 -3.45 -2.66 10.92
C SER A 27 -4.61 -2.05 10.11
N ASP A 28 -4.57 -0.74 9.93
CA ASP A 28 -5.60 -0.04 9.17
C ASP A 28 -5.62 -0.50 7.71
N LEU A 29 -4.53 -1.13 7.28
CA LEU A 29 -4.42 -1.61 5.91
C LEU A 29 -5.54 -2.58 5.57
N PRO A 30 -5.74 -2.86 4.27
CA PRO A 30 -6.78 -3.76 3.78
C PRO A 30 -6.55 -5.21 4.20
N GLU A 31 -7.61 -5.87 4.64
CA GLU A 31 -7.53 -7.26 5.06
C GLU A 31 -6.83 -8.10 3.99
N SER A 32 -7.19 -7.87 2.73
CA SER A 32 -6.58 -8.60 1.61
C SER A 32 -5.09 -8.28 1.51
N VAL A 33 -4.68 -7.23 2.20
CA VAL A 33 -3.30 -6.80 2.21
C VAL A 33 -2.59 -7.36 3.44
N LYS A 34 -3.15 -7.09 4.61
CA LYS A 34 -2.58 -7.57 5.86
C LYS A 34 -2.58 -9.10 5.89
N HIS A 35 -3.57 -9.71 5.24
CA HIS A 35 -3.70 -11.17 5.20
C HIS A 35 -2.82 -11.78 4.11
N VAL A 36 -1.74 -11.07 3.76
CA VAL A 36 -0.82 -11.54 2.74
C VAL A 36 0.54 -10.88 2.91
N LEU A 37 0.53 -9.62 3.35
CA LEU A 37 1.76 -8.88 3.56
C LEU A 37 2.32 -9.09 4.96
N PRO A 38 3.61 -9.43 5.01
CA PRO A 38 4.32 -9.66 6.26
C PRO A 38 4.34 -8.41 7.15
N SER A 39 5.05 -8.49 8.27
CA SER A 39 5.12 -7.37 9.21
C SER A 39 5.62 -6.08 8.57
N HIS A 40 6.92 -5.99 8.31
CA HIS A 40 7.53 -4.80 7.73
C HIS A 40 6.94 -4.42 6.37
N ALA A 41 6.21 -5.35 5.74
CA ALA A 41 5.61 -5.07 4.44
C ALA A 41 4.47 -4.07 4.55
N GLN A 42 3.71 -4.17 5.63
CA GLN A 42 2.60 -3.27 5.87
C GLN A 42 3.12 -1.86 6.12
N ASP A 43 4.19 -1.76 6.89
CA ASP A 43 4.82 -0.48 7.16
C ASP A 43 5.28 0.12 5.84
N ILE A 44 5.80 -0.76 4.99
CA ILE A 44 6.25 -0.39 3.66
C ILE A 44 5.05 0.06 2.84
N TYR A 45 4.06 -0.82 2.81
CA TYR A 45 2.82 -0.57 2.09
C TYR A 45 2.21 0.75 2.52
N LYS A 46 1.79 0.82 3.78
CA LYS A 46 1.18 2.03 4.32
C LYS A 46 2.05 3.27 4.08
N GLU A 47 3.31 3.21 4.47
CA GLU A 47 4.22 4.34 4.31
C GLU A 47 4.33 4.75 2.85
N ALA A 48 4.34 3.76 1.97
CA ALA A 48 4.43 4.02 0.55
C ALA A 48 3.10 4.59 0.06
N PHE A 49 2.01 4.04 0.57
CA PHE A 49 0.68 4.48 0.22
C PHE A 49 0.52 5.96 0.61
N ASN A 50 0.82 6.25 1.87
CA ASN A 50 0.69 7.61 2.39
C ASN A 50 1.45 8.61 1.50
N SER A 51 2.67 8.25 1.13
CA SER A 51 3.48 9.12 0.28
C SER A 51 2.74 9.42 -1.02
N ALA A 52 2.20 8.38 -1.64
CA ALA A 52 1.44 8.54 -2.87
C ALA A 52 0.17 9.31 -2.58
N TRP A 53 -0.34 9.15 -1.36
CA TRP A 53 -1.54 9.84 -0.92
C TRP A 53 -1.27 11.34 -0.83
N ASP A 54 -0.21 11.70 -0.10
CA ASP A 54 0.17 13.10 0.06
C ASP A 54 0.71 13.66 -1.25
N GLN A 55 1.38 12.80 -2.01
CA GLN A 55 1.94 13.21 -3.29
C GLN A 55 0.81 13.51 -4.26
N TYR A 56 -0.33 12.89 -4.03
CA TYR A 56 -1.51 13.08 -4.85
C TYR A 56 -2.11 14.47 -4.61
N LYS A 57 -1.30 15.50 -4.80
CA LYS A 57 -1.75 16.87 -4.61
C LYS A 57 -2.62 17.32 -5.78
N ASP A 58 -2.73 16.48 -6.79
CA ASP A 58 -3.53 16.78 -7.97
C ASP A 58 -5.00 16.49 -7.71
N LYS A 59 -5.26 15.41 -6.97
CA LYS A 59 -6.62 15.00 -6.65
C LYS A 59 -6.95 15.26 -5.19
N GLU A 60 -6.48 16.39 -4.68
CA GLU A 60 -6.72 16.77 -3.29
C GLU A 60 -8.10 17.39 -3.12
N ASP A 61 -8.45 18.28 -4.04
CA ASP A 61 -9.75 18.95 -3.99
C ASP A 61 -10.68 18.42 -5.07
N ARG A 62 -10.50 17.16 -5.43
CA ARG A 62 -11.31 16.52 -6.45
C ARG A 62 -12.31 15.57 -5.83
N ARG A 63 -13.46 15.48 -6.45
CA ARG A 63 -14.52 14.59 -5.99
C ARG A 63 -14.10 13.13 -6.18
N ASP A 64 -13.12 12.93 -7.07
CA ASP A 64 -12.61 11.59 -7.37
C ASP A 64 -11.47 11.22 -6.42
N ASP A 65 -11.68 11.42 -5.13
CA ASP A 65 -10.65 11.12 -4.14
C ASP A 65 -10.26 9.64 -4.19
N ALA A 66 -11.20 8.80 -4.63
CA ALA A 66 -10.93 7.36 -4.73
C ALA A 66 -9.69 7.14 -5.59
N SER A 67 -9.58 7.89 -6.68
CA SER A 67 -8.42 7.79 -7.56
C SER A 67 -7.15 7.91 -6.75
N ARG A 68 -7.13 8.92 -5.89
CA ARG A 68 -5.99 9.15 -5.01
C ARG A 68 -5.72 7.90 -4.21
N GLU A 69 -6.68 7.52 -3.37
CA GLU A 69 -6.57 6.32 -2.55
C GLU A 69 -6.12 5.16 -3.44
N GLU A 70 -6.78 5.03 -4.58
CA GLU A 70 -6.45 3.98 -5.54
C GLU A 70 -4.97 4.03 -5.90
N THR A 71 -4.54 5.15 -6.48
CA THR A 71 -3.14 5.30 -6.87
C THR A 71 -2.23 4.94 -5.71
N ALA A 72 -2.49 5.52 -4.54
CA ALA A 72 -1.68 5.22 -3.37
C ALA A 72 -1.60 3.70 -3.19
N HIS A 73 -2.75 3.04 -3.35
CA HIS A 73 -2.79 1.58 -3.25
C HIS A 73 -1.77 0.99 -4.22
N LYS A 74 -1.82 1.47 -5.46
CA LYS A 74 -0.92 1.04 -6.51
C LYS A 74 0.53 1.30 -6.13
N VAL A 75 0.78 2.46 -5.57
CA VAL A 75 2.13 2.83 -5.16
C VAL A 75 2.63 1.96 -4.03
N ALA A 76 1.89 1.95 -2.92
CA ALA A 76 2.26 1.14 -1.77
C ALA A 76 2.62 -0.28 -2.17
N TRP A 77 1.80 -0.86 -3.05
CA TRP A 77 2.06 -2.20 -3.54
C TRP A 77 3.41 -2.23 -4.23
N ALA A 78 3.66 -1.22 -5.07
CA ALA A 78 4.93 -1.12 -5.77
C ALA A 78 6.09 -1.29 -4.81
N ALA A 79 6.01 -0.59 -3.67
CA ALA A 79 7.03 -0.69 -2.65
C ALA A 79 7.05 -2.12 -2.10
N VAL A 80 5.86 -2.64 -1.86
CA VAL A 80 5.71 -3.99 -1.37
C VAL A 80 6.30 -4.99 -2.36
N LYS A 81 5.88 -4.92 -3.62
CA LYS A 81 6.40 -5.81 -4.65
C LYS A 81 7.90 -5.63 -4.84
N HIS A 82 8.44 -4.54 -4.32
CA HIS A 82 9.86 -4.24 -4.41
C HIS A 82 10.64 -4.93 -3.29
N GLU A 83 10.15 -4.75 -2.07
CA GLU A 83 10.78 -5.33 -0.89
C GLU A 83 10.14 -6.68 -0.54
N TYR A 84 9.02 -6.98 -1.17
CA TYR A 84 8.29 -8.21 -0.90
C TYR A 84 7.86 -8.90 -2.20
N ALA A 85 7.86 -10.23 -2.17
CA ALA A 85 7.47 -11.03 -3.33
C ALA A 85 6.33 -11.97 -3.01
N LYS A 86 5.47 -12.24 -3.99
CA LYS A 86 4.37 -13.17 -3.81
C LYS A 86 4.82 -14.56 -4.22
N GLY A 87 4.66 -15.53 -3.32
CA GLY A 87 5.08 -16.89 -3.64
C GLY A 87 4.08 -17.60 -4.51
N ASP A 88 4.20 -18.92 -4.64
CA ASP A 88 3.28 -19.69 -5.46
C ASP A 88 1.86 -19.68 -4.92
N ASP A 89 1.50 -18.65 -4.15
CA ASP A 89 0.16 -18.53 -3.60
C ASP A 89 -0.24 -17.05 -3.61
N ASP A 90 -1.24 -16.70 -2.83
CA ASP A 90 -1.67 -15.31 -2.76
C ASP A 90 -1.13 -14.64 -1.51
N LYS A 91 0.11 -14.98 -1.18
CA LYS A 91 0.79 -14.41 -0.02
C LYS A 91 2.13 -13.84 -0.43
N TRP A 92 2.68 -12.95 0.38
CA TRP A 92 3.95 -12.33 0.05
C TRP A 92 5.01 -12.52 1.14
N HIS A 93 6.27 -12.36 0.74
CA HIS A 93 7.42 -12.49 1.63
C HIS A 93 8.48 -11.47 1.24
N LYS A 94 9.13 -10.84 2.23
CA LYS A 94 10.13 -9.82 1.92
C LYS A 94 11.23 -10.34 1.02
N LYS A 95 11.40 -9.66 -0.09
CA LYS A 95 12.42 -9.99 -1.06
C LYS A 95 13.76 -9.40 -0.63
N SER A 96 13.95 -8.12 -0.92
CA SER A 96 15.19 -7.42 -0.58
C SER A 96 15.40 -7.42 0.94
N PRO A 22 -5.91 7.02 4.73
CA PRO A 22 -6.67 5.79 5.01
C PRO A 22 -5.95 4.88 5.98
N TYR A 23 -4.64 5.05 6.10
CA TYR A 23 -3.83 4.24 7.00
C TYR A 23 -3.21 5.11 8.09
N LYS A 24 -3.18 4.59 9.32
CA LYS A 24 -2.64 5.34 10.44
C LYS A 24 -1.41 4.69 11.05
N THR A 25 -1.45 3.37 11.24
CA THR A 25 -0.32 2.66 11.82
C THR A 25 0.12 1.52 10.90
N LYS A 26 -0.81 0.61 10.61
CA LYS A 26 -0.54 -0.53 9.74
C LYS A 26 -1.77 -1.43 9.67
N SER A 27 -2.33 -1.75 10.82
CA SER A 27 -3.51 -2.60 10.88
C SER A 27 -4.65 -2.01 10.04
N ASP A 28 -4.57 -0.70 9.79
CA ASP A 28 -5.58 -0.01 9.00
C ASP A 28 -5.49 -0.39 7.52
N LEU A 29 -4.45 -1.13 7.16
CA LEU A 29 -4.27 -1.56 5.78
C LEU A 29 -5.40 -2.47 5.34
N PRO A 30 -5.53 -2.71 4.02
CA PRO A 30 -6.57 -3.56 3.47
C PRO A 30 -6.41 -5.02 3.86
N GLU A 31 -7.53 -5.64 4.26
CA GLU A 31 -7.52 -7.04 4.67
C GLU A 31 -6.74 -7.90 3.66
N SER A 32 -7.09 -7.79 2.38
CA SER A 32 -6.41 -8.54 1.34
C SER A 32 -4.91 -8.21 1.32
N VAL A 33 -4.54 -7.13 1.98
CA VAL A 33 -3.16 -6.70 2.06
C VAL A 33 -2.50 -7.28 3.30
N LYS A 34 -3.12 -7.03 4.46
CA LYS A 34 -2.62 -7.52 5.73
C LYS A 34 -2.68 -9.06 5.79
N HIS A 35 -3.67 -9.65 5.13
CA HIS A 35 -3.85 -11.11 5.13
C HIS A 35 -2.94 -11.78 4.10
N VAL A 36 -1.85 -11.12 3.77
CA VAL A 36 -0.89 -11.63 2.80
C VAL A 36 0.49 -11.05 3.08
N LEU A 37 0.51 -9.82 3.61
CA LEU A 37 1.76 -9.18 3.94
C LEU A 37 2.29 -9.69 5.27
N PRO A 38 3.57 -10.06 5.27
CA PRO A 38 4.26 -10.63 6.44
C PRO A 38 4.19 -9.74 7.67
N SER A 39 4.97 -8.67 7.70
CA SER A 39 4.98 -7.76 8.85
C SER A 39 5.45 -6.36 8.45
N HIS A 40 6.75 -6.24 8.14
CA HIS A 40 7.31 -4.96 7.75
C HIS A 40 6.79 -4.53 6.38
N ALA A 41 6.13 -5.44 5.67
CA ALA A 41 5.58 -5.12 4.36
C ALA A 41 4.42 -4.14 4.49
N GLN A 42 3.74 -4.20 5.63
CA GLN A 42 2.62 -3.31 5.89
C GLN A 42 3.13 -1.91 6.16
N ASP A 43 4.25 -1.82 6.88
CA ASP A 43 4.86 -0.53 7.15
C ASP A 43 5.32 0.06 5.82
N ILE A 44 5.83 -0.84 4.98
CA ILE A 44 6.28 -0.49 3.64
C ILE A 44 5.08 -0.06 2.82
N TYR A 45 4.08 -0.93 2.81
CA TYR A 45 2.84 -0.69 2.10
C TYR A 45 2.24 0.66 2.48
N LYS A 46 1.95 0.80 3.77
CA LYS A 46 1.36 2.03 4.30
C LYS A 46 2.22 3.26 3.99
N GLU A 47 3.50 3.19 4.36
CA GLU A 47 4.40 4.32 4.12
C GLU A 47 4.45 4.70 2.66
N ALA A 48 4.39 3.71 1.79
CA ALA A 48 4.42 3.95 0.36
C ALA A 48 3.08 4.50 -0.09
N PHE A 49 2.02 3.98 0.51
CA PHE A 49 0.67 4.43 0.20
C PHE A 49 0.52 5.90 0.56
N ASN A 50 0.89 6.25 1.79
CA ASN A 50 0.80 7.63 2.25
C ASN A 50 1.53 8.58 1.31
N SER A 51 2.72 8.18 0.87
CA SER A 51 3.51 8.99 -0.04
C SER A 51 2.71 9.31 -1.29
N ALA A 52 2.07 8.29 -1.85
CA ALA A 52 1.25 8.48 -3.04
C ALA A 52 -0.01 9.27 -2.70
N TRP A 53 -0.44 9.15 -1.45
CA TRP A 53 -1.61 9.86 -0.97
C TRP A 53 -1.31 11.36 -0.93
N ASP A 54 -0.20 11.72 -0.30
CA ASP A 54 0.22 13.12 -0.20
C ASP A 54 0.65 13.65 -1.57
N GLN A 55 1.24 12.77 -2.37
CA GLN A 55 1.70 13.14 -3.70
C GLN A 55 0.51 13.45 -4.60
N TYR A 56 -0.62 12.87 -4.26
CA TYR A 56 -1.85 13.08 -5.02
C TYR A 56 -2.45 14.46 -4.76
N LYS A 57 -1.62 15.49 -4.89
CA LYS A 57 -2.06 16.86 -4.69
C LYS A 57 -2.93 17.34 -5.86
N ASP A 58 -3.09 16.48 -6.85
CA ASP A 58 -3.88 16.81 -8.03
C ASP A 58 -5.37 16.69 -7.72
N LYS A 59 -5.71 15.77 -6.82
CA LYS A 59 -7.10 15.56 -6.46
C LYS A 59 -7.26 14.56 -5.31
N GLU A 60 -6.41 14.67 -4.32
CA GLU A 60 -6.46 13.75 -3.18
C GLU A 60 -7.70 13.97 -2.31
N ASP A 61 -7.85 15.17 -1.76
CA ASP A 61 -8.99 15.47 -0.90
C ASP A 61 -9.99 16.40 -1.57
N ARG A 62 -10.09 16.29 -2.89
CA ARG A 62 -11.02 17.13 -3.63
C ARG A 62 -12.31 16.37 -3.94
N ARG A 63 -12.59 16.12 -5.22
CA ARG A 63 -13.80 15.41 -5.60
C ARG A 63 -13.53 13.92 -5.84
N ASP A 64 -12.48 13.62 -6.60
CA ASP A 64 -12.12 12.25 -6.91
C ASP A 64 -11.10 11.69 -5.91
N ASP A 65 -11.44 11.79 -4.62
CA ASP A 65 -10.56 11.32 -3.56
C ASP A 65 -10.24 9.83 -3.73
N ALA A 66 -11.17 9.07 -4.30
CA ALA A 66 -10.96 7.65 -4.50
C ALA A 66 -9.72 7.39 -5.35
N SER A 67 -9.60 8.13 -6.46
CA SER A 67 -8.45 7.98 -7.35
C SER A 67 -7.17 8.03 -6.55
N ARG A 68 -7.09 8.98 -5.64
CA ARG A 68 -5.93 9.12 -4.77
C ARG A 68 -5.70 7.81 -4.05
N GLU A 69 -6.68 7.43 -3.23
CA GLU A 69 -6.61 6.19 -2.49
C GLU A 69 -6.20 5.07 -3.42
N GLU A 70 -6.91 4.96 -4.54
CA GLU A 70 -6.62 3.96 -5.56
C GLU A 70 -5.14 3.98 -5.91
N THR A 71 -4.68 5.11 -6.47
CA THR A 71 -3.28 5.25 -6.84
C THR A 71 -2.38 4.87 -5.68
N ALA A 72 -2.67 5.40 -4.50
CA ALA A 72 -1.86 5.08 -3.33
C ALA A 72 -1.73 3.58 -3.17
N HIS A 73 -2.86 2.88 -3.31
CA HIS A 73 -2.85 1.41 -3.25
C HIS A 73 -1.83 0.88 -4.25
N LYS A 74 -1.93 1.41 -5.48
CA LYS A 74 -1.03 1.03 -6.56
C LYS A 74 0.42 1.29 -6.20
N VAL A 75 0.69 2.48 -5.68
CA VAL A 75 2.04 2.85 -5.30
C VAL A 75 2.51 1.98 -4.14
N ALA A 76 1.77 2.01 -3.04
CA ALA A 76 2.12 1.23 -1.86
C ALA A 76 2.49 -0.21 -2.24
N TRP A 77 1.68 -0.83 -3.07
CA TRP A 77 1.96 -2.18 -3.51
C TRP A 77 3.30 -2.22 -4.22
N ALA A 78 3.55 -1.21 -5.06
CA ALA A 78 4.81 -1.12 -5.78
C ALA A 78 5.97 -1.29 -4.81
N ALA A 79 5.88 -0.59 -3.68
CA ALA A 79 6.89 -0.67 -2.65
C ALA A 79 6.92 -2.09 -2.11
N VAL A 80 5.74 -2.63 -1.84
CA VAL A 80 5.61 -3.97 -1.34
C VAL A 80 6.23 -4.97 -2.32
N LYS A 81 5.86 -4.90 -3.59
CA LYS A 81 6.40 -5.79 -4.61
C LYS A 81 7.91 -5.62 -4.74
N HIS A 82 8.41 -4.49 -4.26
CA HIS A 82 9.85 -4.20 -4.33
C HIS A 82 10.59 -4.85 -3.16
N GLU A 83 10.08 -4.62 -1.95
CA GLU A 83 10.68 -5.17 -0.75
C GLU A 83 10.08 -6.52 -0.40
N TYR A 84 8.96 -6.85 -1.04
CA TYR A 84 8.28 -8.12 -0.78
C TYR A 84 7.87 -8.80 -2.09
N ALA A 85 7.88 -10.13 -2.07
CA ALA A 85 7.53 -10.94 -3.23
C ALA A 85 6.39 -11.90 -2.92
N LYS A 86 5.54 -12.16 -3.93
CA LYS A 86 4.43 -13.10 -3.75
C LYS A 86 4.89 -14.50 -4.12
N GLY A 87 4.73 -15.44 -3.20
CA GLY A 87 5.15 -16.81 -3.48
C GLY A 87 4.19 -17.51 -4.39
N ASP A 88 4.32 -18.83 -4.53
CA ASP A 88 3.43 -19.60 -5.40
C ASP A 88 2.00 -19.62 -4.88
N ASP A 89 1.61 -18.59 -4.11
CA ASP A 89 0.25 -18.51 -3.60
C ASP A 89 -0.17 -17.03 -3.60
N ASP A 90 -1.12 -16.68 -2.75
CA ASP A 90 -1.57 -15.30 -2.68
C ASP A 90 -1.01 -14.61 -1.45
N LYS A 91 0.22 -14.96 -1.10
CA LYS A 91 0.91 -14.38 0.04
C LYS A 91 2.24 -13.79 -0.40
N TRP A 92 2.75 -12.85 0.38
CA TRP A 92 4.01 -12.20 0.05
C TRP A 92 5.08 -12.43 1.11
N HIS A 93 6.34 -12.30 0.70
CA HIS A 93 7.49 -12.47 1.58
C HIS A 93 8.55 -11.43 1.23
N LYS A 94 9.16 -10.80 2.24
CA LYS A 94 10.14 -9.76 1.97
C LYS A 94 11.26 -10.21 1.06
N LYS A 95 11.42 -9.47 -0.03
CA LYS A 95 12.46 -9.72 -1.00
C LYS A 95 13.74 -9.00 -0.59
N SER A 96 13.57 -7.83 0.02
CA SER A 96 14.67 -7.01 0.48
C SER A 96 14.94 -7.24 1.97
N PRO A 22 -5.98 6.84 4.64
CA PRO A 22 -6.77 5.64 4.95
C PRO A 22 -6.04 4.73 5.95
N TYR A 23 -4.74 4.96 6.09
CA TYR A 23 -3.92 4.18 7.01
C TYR A 23 -3.36 5.06 8.11
N LYS A 24 -3.36 4.55 9.34
CA LYS A 24 -2.87 5.32 10.48
C LYS A 24 -1.60 4.72 11.09
N THR A 25 -1.57 3.40 11.28
CA THR A 25 -0.40 2.75 11.86
C THR A 25 0.11 1.62 10.96
N LYS A 26 -0.77 0.66 10.69
CA LYS A 26 -0.43 -0.49 9.86
C LYS A 26 -1.64 -1.40 9.72
N SER A 27 -2.24 -1.74 10.85
CA SER A 27 -3.42 -2.60 10.87
C SER A 27 -4.55 -1.97 10.04
N ASP A 28 -4.47 -0.66 9.84
CA ASP A 28 -5.48 0.04 9.05
C ASP A 28 -5.48 -0.44 7.61
N LEU A 29 -4.38 -1.07 7.20
CA LEU A 29 -4.26 -1.59 5.84
C LEU A 29 -5.39 -2.56 5.52
N PRO A 30 -5.62 -2.81 4.22
CA PRO A 30 -6.68 -3.70 3.77
C PRO A 30 -6.45 -5.15 4.19
N GLU A 31 -7.52 -5.80 4.66
CA GLU A 31 -7.43 -7.19 5.09
C GLU A 31 -6.71 -8.03 4.04
N SER A 32 -7.15 -7.91 2.79
CA SER A 32 -6.52 -8.65 1.69
C SER A 32 -5.04 -8.33 1.58
N VAL A 33 -4.62 -7.25 2.25
CA VAL A 33 -3.23 -6.83 2.25
C VAL A 33 -2.53 -7.37 3.49
N LYS A 34 -3.09 -7.06 4.65
CA LYS A 34 -2.52 -7.52 5.92
C LYS A 34 -2.55 -9.04 6.01
N HIS A 35 -3.53 -9.66 5.35
CA HIS A 35 -3.67 -11.12 5.36
C HIS A 35 -2.73 -11.79 4.35
N VAL A 36 -1.74 -11.03 3.88
CA VAL A 36 -0.79 -11.53 2.91
C VAL A 36 0.57 -10.87 3.11
N LEU A 37 0.54 -9.61 3.52
CA LEU A 37 1.75 -8.86 3.74
C LEU A 37 2.28 -9.00 5.16
N PRO A 38 3.55 -9.37 5.25
CA PRO A 38 4.25 -9.55 6.53
C PRO A 38 4.27 -8.24 7.33
N SER A 39 4.89 -8.27 8.50
CA SER A 39 4.96 -7.09 9.36
C SER A 39 5.53 -5.87 8.63
N HIS A 40 6.84 -5.85 8.43
CA HIS A 40 7.51 -4.73 7.77
C HIS A 40 6.92 -4.38 6.41
N ALA A 41 6.21 -5.31 5.78
CA ALA A 41 5.61 -5.05 4.47
C ALA A 41 4.45 -4.07 4.57
N GLN A 42 3.70 -4.17 5.66
CA GLN A 42 2.57 -3.28 5.89
C GLN A 42 3.07 -1.86 6.09
N ASP A 43 4.18 -1.73 6.81
CA ASP A 43 4.78 -0.43 7.03
C ASP A 43 5.21 0.13 5.69
N ILE A 44 5.81 -0.75 4.89
CA ILE A 44 6.24 -0.43 3.54
C ILE A 44 5.01 0.00 2.75
N TYR A 45 4.03 -0.89 2.75
CA TYR A 45 2.78 -0.65 2.07
C TYR A 45 2.17 0.68 2.51
N LYS A 46 1.81 0.76 3.79
CA LYS A 46 1.21 1.97 4.34
C LYS A 46 2.08 3.19 4.07
N GLU A 47 3.36 3.12 4.47
CA GLU A 47 4.27 4.23 4.28
C GLU A 47 4.39 4.61 2.81
N ALA A 48 4.34 3.60 1.96
CA ALA A 48 4.42 3.83 0.52
C ALA A 48 3.11 4.41 0.02
N PHE A 49 2.01 3.87 0.58
CA PHE A 49 0.68 4.34 0.22
C PHE A 49 0.52 5.80 0.61
N ASN A 50 0.78 6.09 1.90
CA ASN A 50 0.66 7.44 2.42
C ASN A 50 1.44 8.43 1.55
N SER A 51 2.65 8.04 1.17
CA SER A 51 3.49 8.89 0.33
C SER A 51 2.77 9.26 -0.95
N ALA A 52 2.14 8.26 -1.58
CA ALA A 52 1.40 8.50 -2.80
C ALA A 52 0.11 9.25 -2.50
N TRP A 53 -0.40 9.06 -1.28
CA TRP A 53 -1.62 9.74 -0.85
C TRP A 53 -1.34 11.24 -0.73
N ASP A 54 -0.30 11.58 0.04
CA ASP A 54 0.09 12.97 0.22
C ASP A 54 0.61 13.54 -1.09
N GLN A 55 1.27 12.69 -1.87
CA GLN A 55 1.82 13.11 -3.16
C GLN A 55 0.71 13.42 -4.15
N TYR A 56 -0.44 12.80 -3.91
CA TYR A 56 -1.61 12.98 -4.77
C TYR A 56 -2.21 14.38 -4.61
N LYS A 57 -1.37 15.41 -4.64
CA LYS A 57 -1.82 16.78 -4.50
C LYS A 57 -2.52 17.27 -5.77
N ASP A 58 -2.58 16.41 -6.78
CA ASP A 58 -3.21 16.75 -8.04
C ASP A 58 -4.74 16.76 -7.92
N LYS A 59 -5.27 15.83 -7.14
CA LYS A 59 -6.71 15.72 -6.95
C LYS A 59 -7.05 14.66 -5.91
N GLU A 60 -6.36 14.71 -4.77
CA GLU A 60 -6.57 13.74 -3.71
C GLU A 60 -7.86 13.94 -2.94
N ASP A 61 -8.08 15.15 -2.43
CA ASP A 61 -9.28 15.44 -1.64
C ASP A 61 -10.27 16.30 -2.42
N ARG A 62 -10.45 15.98 -3.69
CA ARG A 62 -11.36 16.73 -4.54
C ARG A 62 -12.63 15.92 -4.80
N ARG A 63 -12.90 15.59 -6.05
CA ARG A 63 -14.10 14.83 -6.40
C ARG A 63 -13.77 13.35 -6.55
N ASP A 64 -12.66 13.04 -7.23
CA ASP A 64 -12.25 11.66 -7.44
C ASP A 64 -11.20 11.23 -6.43
N ASP A 65 -11.51 11.39 -5.14
CA ASP A 65 -10.59 11.02 -4.08
C ASP A 65 -10.21 9.55 -4.16
N ALA A 66 -11.12 8.73 -4.68
CA ALA A 66 -10.86 7.31 -4.82
C ALA A 66 -9.62 7.07 -5.66
N SER A 67 -9.51 7.82 -6.76
CA SER A 67 -8.35 7.72 -7.64
C SER A 67 -7.08 7.83 -6.82
N ARG A 68 -7.06 8.81 -5.93
CA ARG A 68 -5.92 9.01 -5.05
C ARG A 68 -5.66 7.72 -4.28
N GLU A 69 -6.64 7.33 -3.47
CA GLU A 69 -6.54 6.11 -2.68
C GLU A 69 -6.08 4.97 -3.58
N GLU A 70 -6.74 4.85 -4.74
CA GLU A 70 -6.40 3.83 -5.72
C GLU A 70 -4.92 3.88 -6.04
N THR A 71 -4.48 5.00 -6.60
CA THR A 71 -3.07 5.17 -6.96
C THR A 71 -2.18 4.81 -5.78
N ALA A 72 -2.47 5.38 -4.61
CA ALA A 72 -1.69 5.09 -3.42
C ALA A 72 -1.58 3.58 -3.25
N HIS A 73 -2.72 2.89 -3.43
CA HIS A 73 -2.74 1.44 -3.34
C HIS A 73 -1.70 0.88 -4.30
N LYS A 74 -1.76 1.36 -5.55
CA LYS A 74 -0.82 0.95 -6.58
C LYS A 74 0.61 1.23 -6.18
N VAL A 75 0.84 2.41 -5.63
CA VAL A 75 2.16 2.80 -5.18
C VAL A 75 2.62 1.93 -4.03
N ALA A 76 1.85 1.92 -2.94
CA ALA A 76 2.20 1.12 -1.78
C ALA A 76 2.57 -0.29 -2.19
N TRP A 77 1.74 -0.89 -3.03
CA TRP A 77 2.01 -2.23 -3.52
C TRP A 77 3.36 -2.24 -4.23
N ALA A 78 3.60 -1.21 -5.05
CA ALA A 78 4.87 -1.10 -5.76
C ALA A 78 6.04 -1.24 -4.79
N ALA A 79 5.95 -0.54 -3.66
CA ALA A 79 6.97 -0.62 -2.63
C ALA A 79 7.01 -2.03 -2.09
N VAL A 80 5.82 -2.57 -1.85
CA VAL A 80 5.68 -3.93 -1.35
C VAL A 80 6.32 -4.92 -2.33
N LYS A 81 5.93 -4.85 -3.60
CA LYS A 81 6.48 -5.74 -4.62
C LYS A 81 8.00 -5.53 -4.77
N HIS A 82 8.50 -4.42 -4.26
CA HIS A 82 9.92 -4.13 -4.33
C HIS A 82 10.68 -4.82 -3.20
N GLU A 83 10.16 -4.69 -2.00
CA GLU A 83 10.77 -5.29 -0.81
C GLU A 83 10.12 -6.63 -0.48
N TYR A 84 9.01 -6.91 -1.15
CA TYR A 84 8.27 -8.16 -0.91
C TYR A 84 7.84 -8.81 -2.22
N ALA A 85 7.81 -10.14 -2.20
CA ALA A 85 7.42 -10.92 -3.38
C ALA A 85 6.25 -11.86 -3.07
N LYS A 86 5.39 -12.09 -4.06
CA LYS A 86 4.27 -13.01 -3.88
C LYS A 86 4.71 -14.41 -4.24
N GLY A 87 4.51 -15.36 -3.33
CA GLY A 87 4.92 -16.73 -3.60
C GLY A 87 3.95 -17.43 -4.53
N ASP A 88 4.08 -18.74 -4.66
CA ASP A 88 3.19 -19.50 -5.53
C ASP A 88 1.74 -19.51 -5.03
N ASP A 89 1.34 -18.45 -4.33
CA ASP A 89 -0.02 -18.33 -3.82
C ASP A 89 -0.40 -16.86 -3.81
N ASP A 90 -1.40 -16.50 -3.02
CA ASP A 90 -1.81 -15.10 -2.94
C ASP A 90 -1.25 -14.45 -1.70
N LYS A 91 -0.02 -14.81 -1.37
CA LYS A 91 0.68 -14.25 -0.22
C LYS A 91 2.05 -13.75 -0.63
N TRP A 92 2.63 -12.88 0.19
CA TRP A 92 3.94 -12.32 -0.14
C TRP A 92 4.96 -12.49 0.99
N HIS A 93 6.24 -12.37 0.62
CA HIS A 93 7.35 -12.49 1.56
C HIS A 93 8.41 -11.45 1.20
N LYS A 94 9.07 -10.87 2.20
CA LYS A 94 10.08 -9.84 1.93
C LYS A 94 11.20 -10.33 1.03
N LYS A 95 11.36 -9.64 -0.07
CA LYS A 95 12.40 -9.93 -1.02
C LYS A 95 13.72 -9.33 -0.54
N SER A 96 13.89 -8.04 -0.79
CA SER A 96 15.10 -7.33 -0.38
C SER A 96 14.90 -6.66 0.97
N PRO A 22 -6.05 7.00 4.78
CA PRO A 22 -6.89 5.86 5.15
C PRO A 22 -6.17 4.92 6.12
N TYR A 23 -4.86 5.08 6.22
CA TYR A 23 -4.04 4.27 7.11
C TYR A 23 -3.41 5.14 8.19
N LYS A 24 -3.29 4.61 9.40
CA LYS A 24 -2.70 5.38 10.49
C LYS A 24 -1.46 4.72 11.08
N THR A 25 -1.48 3.39 11.22
CA THR A 25 -0.34 2.67 11.76
C THR A 25 0.12 1.57 10.82
N LYS A 26 -0.79 0.64 10.53
CA LYS A 26 -0.51 -0.48 9.63
C LYS A 26 -1.71 -1.42 9.56
N SER A 27 -2.23 -1.79 10.73
CA SER A 27 -3.38 -2.67 10.80
C SER A 27 -4.56 -2.09 10.03
N ASP A 28 -4.55 -0.77 9.83
CA ASP A 28 -5.61 -0.09 9.10
C ASP A 28 -5.61 -0.48 7.63
N LEU A 29 -4.52 -1.13 7.18
CA LEU A 29 -4.40 -1.55 5.79
C LEU A 29 -5.53 -2.48 5.39
N PRO A 30 -5.68 -2.72 4.08
CA PRO A 30 -6.73 -3.59 3.53
C PRO A 30 -6.53 -5.05 3.88
N GLU A 31 -7.63 -5.72 4.23
CA GLU A 31 -7.57 -7.14 4.59
C GLU A 31 -6.79 -7.94 3.55
N SER A 32 -7.16 -7.80 2.28
CA SER A 32 -6.48 -8.50 1.19
C SER A 32 -4.99 -8.14 1.17
N VAL A 33 -4.63 -7.10 1.90
CA VAL A 33 -3.25 -6.66 1.99
C VAL A 33 -2.60 -7.25 3.24
N LYS A 34 -3.21 -6.99 4.39
CA LYS A 34 -2.71 -7.51 5.65
C LYS A 34 -2.75 -9.04 5.67
N HIS A 35 -3.71 -9.61 4.94
CA HIS A 35 -3.89 -11.06 4.88
C HIS A 35 -2.92 -11.71 3.88
N VAL A 36 -1.91 -10.95 3.48
CA VAL A 36 -0.93 -11.43 2.52
C VAL A 36 0.44 -10.84 2.83
N LEU A 37 0.46 -9.64 3.41
CA LEU A 37 1.70 -8.97 3.76
C LEU A 37 2.24 -9.47 5.09
N PRO A 38 3.53 -9.80 5.11
CA PRO A 38 4.23 -10.34 6.28
C PRO A 38 4.19 -9.40 7.50
N SER A 39 5.24 -8.61 7.71
CA SER A 39 5.29 -7.70 8.85
C SER A 39 5.63 -6.28 8.43
N HIS A 40 6.90 -6.05 8.12
CA HIS A 40 7.35 -4.73 7.70
C HIS A 40 6.79 -4.34 6.33
N ALA A 41 6.13 -5.28 5.66
CA ALA A 41 5.57 -5.01 4.34
C ALA A 41 4.39 -4.06 4.46
N GLN A 42 3.67 -4.13 5.57
CA GLN A 42 2.53 -3.26 5.80
C GLN A 42 3.03 -1.85 6.06
N ASP A 43 4.14 -1.75 6.80
CA ASP A 43 4.75 -0.45 7.06
C ASP A 43 5.16 0.14 5.73
N ILE A 44 5.79 -0.71 4.93
CA ILE A 44 6.23 -0.35 3.60
C ILE A 44 5.02 0.09 2.77
N TYR A 45 4.04 -0.80 2.71
CA TYR A 45 2.81 -0.53 1.99
C TYR A 45 2.16 0.76 2.45
N LYS A 46 1.90 0.86 3.76
CA LYS A 46 1.29 2.05 4.33
C LYS A 46 2.13 3.30 4.06
N GLU A 47 3.41 3.22 4.38
CA GLU A 47 4.31 4.36 4.17
C GLU A 47 4.35 4.76 2.71
N ALA A 48 4.36 3.77 1.84
CA ALA A 48 4.40 4.02 0.41
C ALA A 48 3.05 4.54 -0.04
N PHE A 49 1.99 3.95 0.50
CA PHE A 49 0.64 4.36 0.18
C PHE A 49 0.42 5.81 0.60
N ASN A 50 0.78 6.12 1.85
CA ASN A 50 0.64 7.47 2.38
C ASN A 50 1.41 8.46 1.52
N SER A 51 2.63 8.11 1.14
CA SER A 51 3.46 8.97 0.31
C SER A 51 2.72 9.33 -0.97
N ALA A 52 2.13 8.32 -1.61
CA ALA A 52 1.36 8.54 -2.82
C ALA A 52 0.09 9.32 -2.50
N TRP A 53 -0.42 9.11 -1.30
CA TRP A 53 -1.62 9.79 -0.85
C TRP A 53 -1.34 11.28 -0.70
N ASP A 54 -0.28 11.61 0.04
CA ASP A 54 0.10 13.00 0.25
C ASP A 54 0.63 13.59 -1.06
N GLN A 55 1.31 12.75 -1.84
CA GLN A 55 1.86 13.18 -3.12
C GLN A 55 0.73 13.48 -4.09
N TYR A 56 -0.40 12.83 -3.87
CA TYR A 56 -1.58 13.01 -4.70
C TYR A 56 -2.23 14.38 -4.47
N LYS A 57 -1.43 15.43 -4.65
CA LYS A 57 -1.94 16.79 -4.47
C LYS A 57 -2.64 17.28 -5.74
N ASP A 58 -2.71 16.40 -6.74
CA ASP A 58 -3.35 16.73 -8.01
C ASP A 58 -4.87 16.81 -7.86
N LYS A 59 -5.45 15.77 -7.28
CA LYS A 59 -6.89 15.70 -7.10
C LYS A 59 -7.27 14.62 -6.08
N GLU A 60 -6.64 14.67 -4.93
CA GLU A 60 -6.87 13.68 -3.88
C GLU A 60 -8.17 13.92 -3.11
N ASP A 61 -8.38 15.13 -2.62
CA ASP A 61 -9.57 15.43 -1.85
C ASP A 61 -10.55 16.30 -2.64
N ARG A 62 -10.64 16.03 -3.94
CA ARG A 62 -11.53 16.79 -4.80
C ARG A 62 -12.76 15.97 -5.19
N ARG A 63 -12.88 15.60 -6.47
CA ARG A 63 -14.03 14.82 -6.93
C ARG A 63 -13.71 13.33 -7.00
N ASP A 64 -12.48 13.01 -7.40
CA ASP A 64 -12.06 11.62 -7.53
C ASP A 64 -11.09 11.21 -6.42
N ASP A 65 -11.52 11.39 -5.17
CA ASP A 65 -10.70 11.04 -4.02
C ASP A 65 -10.31 9.56 -4.04
N ALA A 66 -11.26 8.71 -4.42
CA ALA A 66 -10.99 7.27 -4.49
C ALA A 66 -9.77 7.01 -5.36
N SER A 67 -9.67 7.74 -6.46
CA SER A 67 -8.54 7.59 -7.37
C SER A 67 -7.25 7.75 -6.60
N ARG A 68 -7.21 8.74 -5.71
CA ARG A 68 -6.04 8.97 -4.88
C ARG A 68 -5.74 7.70 -4.11
N GLU A 69 -6.70 7.30 -3.26
CA GLU A 69 -6.56 6.08 -2.49
C GLU A 69 -6.12 4.95 -3.40
N GLU A 70 -6.80 4.83 -4.53
CA GLU A 70 -6.47 3.81 -5.53
C GLU A 70 -4.99 3.89 -5.88
N THR A 71 -4.58 5.04 -6.40
CA THR A 71 -3.17 5.23 -6.77
C THR A 71 -2.25 4.82 -5.64
N ALA A 72 -2.52 5.33 -4.45
CA ALA A 72 -1.71 5.00 -3.29
C ALA A 72 -1.61 3.48 -3.18
N HIS A 73 -2.73 2.80 -3.37
CA HIS A 73 -2.74 1.34 -3.35
C HIS A 73 -1.70 0.83 -4.34
N LYS A 74 -1.76 1.37 -5.56
CA LYS A 74 -0.83 1.01 -6.63
C LYS A 74 0.61 1.29 -6.22
N VAL A 75 0.85 2.47 -5.67
CA VAL A 75 2.18 2.86 -5.24
C VAL A 75 2.68 1.96 -4.13
N ALA A 76 1.94 1.92 -3.03
CA ALA A 76 2.31 1.10 -1.88
C ALA A 76 2.70 -0.31 -2.31
N TRP A 77 1.88 -0.92 -3.16
CA TRP A 77 2.18 -2.26 -3.64
C TRP A 77 3.53 -2.24 -4.35
N ALA A 78 3.76 -1.19 -5.12
CA ALA A 78 5.03 -1.05 -5.83
C ALA A 78 6.19 -1.23 -4.87
N ALA A 79 6.08 -0.58 -3.71
CA ALA A 79 7.09 -0.68 -2.67
C ALA A 79 7.11 -2.10 -2.14
N VAL A 80 5.92 -2.64 -1.89
CA VAL A 80 5.78 -3.99 -1.40
C VAL A 80 6.40 -4.99 -2.37
N LYS A 81 6.12 -4.85 -3.66
CA LYS A 81 6.67 -5.75 -4.67
C LYS A 81 8.18 -5.55 -4.80
N HIS A 82 8.70 -4.46 -4.26
CA HIS A 82 10.13 -4.17 -4.31
C HIS A 82 10.86 -4.85 -3.16
N GLU A 83 10.32 -4.69 -1.96
CA GLU A 83 10.91 -5.25 -0.76
C GLU A 83 10.29 -6.60 -0.41
N TYR A 84 9.15 -6.90 -1.02
CA TYR A 84 8.44 -8.14 -0.76
C TYR A 84 8.03 -8.83 -2.07
N ALA A 85 7.96 -10.16 -2.02
CA ALA A 85 7.60 -10.96 -3.18
C ALA A 85 6.39 -11.84 -2.89
N LYS A 86 5.55 -12.06 -3.90
CA LYS A 86 4.36 -12.89 -3.73
C LYS A 86 4.60 -14.31 -4.25
N GLY A 87 4.48 -15.30 -3.36
CA GLY A 87 4.69 -16.68 -3.77
C GLY A 87 3.49 -17.23 -4.53
N ASP A 88 3.38 -18.55 -4.62
CA ASP A 88 2.28 -19.18 -5.33
C ASP A 88 1.11 -19.51 -4.40
N ASP A 89 0.88 -18.65 -3.40
CA ASP A 89 -0.21 -18.87 -2.45
C ASP A 89 -1.00 -17.59 -2.20
N ASP A 90 -0.70 -16.55 -2.98
CA ASP A 90 -1.35 -15.25 -2.85
C ASP A 90 -0.88 -14.56 -1.58
N LYS A 91 0.37 -14.82 -1.21
CA LYS A 91 0.96 -14.22 -0.03
C LYS A 91 2.31 -13.64 -0.38
N TRP A 92 2.80 -12.72 0.45
CA TRP A 92 4.08 -12.10 0.17
C TRP A 92 5.13 -12.38 1.24
N HIS A 93 6.39 -12.22 0.86
CA HIS A 93 7.53 -12.42 1.75
C HIS A 93 8.62 -11.42 1.36
N LYS A 94 9.24 -10.79 2.35
CA LYS A 94 10.25 -9.78 2.06
C LYS A 94 11.36 -10.30 1.18
N LYS A 95 11.53 -9.62 0.05
CA LYS A 95 12.56 -9.93 -0.91
C LYS A 95 13.88 -9.30 -0.48
N SER A 96 14.03 -8.00 -0.78
CA SER A 96 15.26 -7.28 -0.43
C SER A 96 15.08 -6.52 0.88
N PRO A 22 -5.96 7.01 4.60
CA PRO A 22 -6.74 5.81 4.89
C PRO A 22 -6.05 4.89 5.90
N TYR A 23 -4.74 5.09 6.07
CA TYR A 23 -3.96 4.28 7.00
C TYR A 23 -3.39 5.16 8.12
N LYS A 24 -3.36 4.63 9.34
CA LYS A 24 -2.87 5.40 10.47
C LYS A 24 -1.63 4.77 11.12
N THR A 25 -1.63 3.45 11.27
CA THR A 25 -0.50 2.78 11.89
C THR A 25 0.08 1.66 11.02
N LYS A 26 -0.78 0.76 10.58
CA LYS A 26 -0.38 -0.39 9.74
C LYS A 26 -1.55 -1.34 9.60
N SER A 27 -2.13 -1.72 10.74
CA SER A 27 -3.27 -2.63 10.76
C SER A 27 -4.44 -2.02 9.98
N ASP A 28 -4.44 -0.69 9.85
CA ASP A 28 -5.48 -0.01 9.11
C ASP A 28 -5.49 -0.46 7.64
N LEU A 29 -4.39 -1.07 7.21
CA LEU A 29 -4.26 -1.54 5.83
C LEU A 29 -5.39 -2.48 5.44
N PRO A 30 -5.54 -2.73 4.13
CA PRO A 30 -6.58 -3.61 3.58
C PRO A 30 -6.39 -5.06 3.97
N GLU A 31 -7.48 -5.71 4.34
CA GLU A 31 -7.45 -7.11 4.73
C GLU A 31 -6.70 -7.95 3.70
N SER A 32 -7.07 -7.81 2.44
CA SER A 32 -6.41 -8.54 1.36
C SER A 32 -4.92 -8.19 1.31
N VAL A 33 -4.54 -7.13 2.00
CA VAL A 33 -3.15 -6.70 2.06
C VAL A 33 -2.47 -7.29 3.28
N LYS A 34 -3.08 -7.06 4.45
CA LYS A 34 -2.56 -7.57 5.70
C LYS A 34 -2.63 -9.10 5.73
N HIS A 35 -3.62 -9.67 5.06
CA HIS A 35 -3.81 -11.12 4.99
C HIS A 35 -2.92 -11.75 3.93
N VAL A 36 -1.82 -11.09 3.63
CA VAL A 36 -0.88 -11.56 2.63
C VAL A 36 0.49 -10.96 2.88
N LEU A 37 0.52 -9.73 3.37
CA LEU A 37 1.78 -9.07 3.67
C LEU A 37 2.30 -9.52 5.02
N PRO A 38 3.57 -9.93 5.01
CA PRO A 38 4.27 -10.46 6.19
C PRO A 38 4.19 -9.54 7.42
N SER A 39 5.08 -8.54 7.51
CA SER A 39 5.08 -7.63 8.65
C SER A 39 5.52 -6.23 8.23
N HIS A 40 6.82 -6.07 7.98
CA HIS A 40 7.36 -4.79 7.56
C HIS A 40 6.78 -4.38 6.21
N ALA A 41 6.14 -5.32 5.51
CA ALA A 41 5.55 -5.03 4.22
C ALA A 41 4.35 -4.11 4.38
N GLN A 42 3.67 -4.24 5.51
CA GLN A 42 2.52 -3.40 5.80
C GLN A 42 2.96 -1.98 6.07
N ASP A 43 4.08 -1.84 6.79
CA ASP A 43 4.65 -0.54 7.05
C ASP A 43 5.07 0.06 5.72
N ILE A 44 5.76 -0.77 4.94
CA ILE A 44 6.20 -0.40 3.60
C ILE A 44 4.99 0.03 2.80
N TYR A 45 4.01 -0.85 2.76
CA TYR A 45 2.76 -0.61 2.05
C TYR A 45 2.16 0.73 2.48
N LYS A 46 1.81 0.82 3.77
CA LYS A 46 1.22 2.03 4.32
C LYS A 46 2.12 3.25 4.08
N GLU A 47 3.37 3.15 4.49
CA GLU A 47 4.31 4.26 4.32
C GLU A 47 4.42 4.66 2.86
N ALA A 48 4.37 3.67 1.98
CA ALA A 48 4.45 3.92 0.55
C ALA A 48 3.13 4.51 0.08
N PHE A 49 2.03 3.98 0.60
CA PHE A 49 0.71 4.45 0.25
C PHE A 49 0.55 5.92 0.66
N ASN A 50 0.85 6.20 1.94
CA ASN A 50 0.75 7.55 2.46
C ASN A 50 1.49 8.55 1.58
N SER A 51 2.72 8.19 1.20
CA SER A 51 3.52 9.06 0.34
C SER A 51 2.78 9.39 -0.95
N ALA A 52 2.17 8.37 -1.56
CA ALA A 52 1.41 8.57 -2.77
C ALA A 52 0.15 9.35 -2.46
N TRP A 53 -0.37 9.15 -1.26
CA TRP A 53 -1.57 9.86 -0.81
C TRP A 53 -1.27 11.35 -0.69
N ASP A 54 -0.21 11.68 0.05
CA ASP A 54 0.20 13.07 0.24
C ASP A 54 0.75 13.63 -1.06
N GLN A 55 1.36 12.77 -1.86
CA GLN A 55 1.93 13.18 -3.15
C GLN A 55 0.81 13.57 -4.11
N TYR A 56 -0.35 12.99 -3.88
CA TYR A 56 -1.53 13.26 -4.69
C TYR A 56 -2.05 14.68 -4.46
N LYS A 57 -1.18 15.66 -4.63
CA LYS A 57 -1.56 17.06 -4.43
C LYS A 57 -2.15 17.65 -5.72
N ASP A 58 -2.28 16.81 -6.74
CA ASP A 58 -2.85 17.24 -8.00
C ASP A 58 -4.33 17.48 -7.84
N LYS A 59 -5.05 16.45 -7.43
CA LYS A 59 -6.47 16.52 -7.21
C LYS A 59 -6.94 15.33 -6.38
N GLU A 60 -6.53 15.32 -5.13
CA GLU A 60 -6.89 14.24 -4.21
C GLU A 60 -8.23 14.51 -3.54
N ASP A 61 -8.49 15.76 -3.24
CA ASP A 61 -9.75 16.14 -2.58
C ASP A 61 -10.68 16.83 -3.55
N ARG A 62 -10.87 16.21 -4.71
CA ARG A 62 -11.76 16.74 -5.72
C ARG A 62 -13.05 15.92 -5.76
N ARG A 63 -13.42 15.45 -6.94
CA ARG A 63 -14.61 14.64 -7.11
C ARG A 63 -14.24 13.16 -7.12
N ASP A 64 -13.02 12.88 -7.60
CA ASP A 64 -12.52 11.52 -7.71
C ASP A 64 -11.42 11.23 -6.68
N ASP A 65 -11.68 11.54 -5.42
CA ASP A 65 -10.70 11.30 -4.36
C ASP A 65 -10.32 9.82 -4.31
N ALA A 66 -11.25 8.96 -4.69
CA ALA A 66 -10.99 7.53 -4.70
C ALA A 66 -9.76 7.22 -5.54
N SER A 67 -9.60 7.96 -6.63
CA SER A 67 -8.45 7.79 -7.50
C SER A 67 -7.18 7.93 -6.70
N ARG A 68 -7.17 8.94 -5.84
CA ARG A 68 -6.04 9.18 -4.97
C ARG A 68 -5.75 7.91 -4.16
N GLU A 69 -6.72 7.53 -3.33
CA GLU A 69 -6.58 6.32 -2.53
C GLU A 69 -6.14 5.17 -3.42
N GLU A 70 -6.86 4.98 -4.52
CA GLU A 70 -6.54 3.94 -5.49
C GLU A 70 -5.06 4.00 -5.87
N THR A 71 -4.64 5.14 -6.40
CA THR A 71 -3.24 5.32 -6.79
C THR A 71 -2.31 4.94 -5.65
N ALA A 72 -2.56 5.50 -4.48
CA ALA A 72 -1.75 5.20 -3.31
C ALA A 72 -1.64 3.69 -3.16
N HIS A 73 -2.78 3.00 -3.29
CA HIS A 73 -2.79 1.54 -3.21
C HIS A 73 -1.79 1.00 -4.23
N LYS A 74 -1.91 1.51 -5.45
CA LYS A 74 -1.02 1.11 -6.55
C LYS A 74 0.43 1.36 -6.20
N VAL A 75 0.70 2.53 -5.61
CA VAL A 75 2.04 2.90 -5.22
C VAL A 75 2.54 2.01 -4.09
N ALA A 76 1.81 2.00 -2.99
CA ALA A 76 2.20 1.20 -1.84
C ALA A 76 2.57 -0.21 -2.26
N TRP A 77 1.73 -0.83 -3.09
CA TRP A 77 1.99 -2.17 -3.57
C TRP A 77 3.34 -2.21 -4.29
N ALA A 78 3.59 -1.20 -5.13
CA ALA A 78 4.85 -1.12 -5.86
C ALA A 78 6.02 -1.27 -4.89
N ALA A 79 5.92 -0.60 -3.75
CA ALA A 79 6.93 -0.68 -2.71
C ALA A 79 6.95 -2.09 -2.16
N VAL A 80 5.76 -2.62 -1.91
CA VAL A 80 5.60 -3.96 -1.38
C VAL A 80 6.22 -4.97 -2.35
N LYS A 81 5.85 -4.89 -3.62
CA LYS A 81 6.39 -5.81 -4.63
C LYS A 81 7.88 -5.63 -4.81
N HIS A 82 8.42 -4.52 -4.29
CA HIS A 82 9.84 -4.22 -4.38
C HIS A 82 10.61 -4.88 -3.24
N GLU A 83 10.10 -4.69 -2.02
CA GLU A 83 10.71 -5.25 -0.82
C GLU A 83 10.08 -6.58 -0.47
N TYR A 84 8.96 -6.89 -1.09
CA TYR A 84 8.23 -8.13 -0.82
C TYR A 84 7.77 -8.83 -2.10
N ALA A 85 7.79 -10.15 -2.08
CA ALA A 85 7.38 -10.95 -3.24
C ALA A 85 6.26 -11.93 -2.88
N LYS A 86 5.39 -12.22 -3.83
CA LYS A 86 4.30 -13.17 -3.61
C LYS A 86 4.78 -14.56 -4.02
N GLY A 87 4.66 -15.53 -3.12
CA GLY A 87 5.10 -16.88 -3.44
C GLY A 87 4.10 -17.59 -4.32
N ASP A 88 4.26 -18.90 -4.47
CA ASP A 88 3.36 -19.68 -5.31
C ASP A 88 1.96 -19.75 -4.70
N ASP A 89 1.60 -18.76 -3.89
CA ASP A 89 0.28 -18.69 -3.27
C ASP A 89 -0.17 -17.25 -3.27
N ASP A 90 -1.16 -16.92 -2.44
CA ASP A 90 -1.65 -15.55 -2.37
C ASP A 90 -1.05 -14.84 -1.16
N LYS A 91 0.20 -15.14 -0.88
CA LYS A 91 0.91 -14.54 0.23
C LYS A 91 2.22 -13.94 -0.24
N TRP A 92 2.75 -13.00 0.54
CA TRP A 92 4.00 -12.35 0.18
C TRP A 92 5.10 -12.58 1.21
N HIS A 93 6.33 -12.32 0.81
CA HIS A 93 7.50 -12.47 1.66
C HIS A 93 8.54 -11.42 1.28
N LYS A 94 9.16 -10.79 2.27
CA LYS A 94 10.14 -9.74 1.98
C LYS A 94 11.26 -10.23 1.07
N LYS A 95 11.39 -9.53 -0.04
CA LYS A 95 12.41 -9.81 -1.01
C LYS A 95 13.75 -9.24 -0.53
N SER A 96 13.93 -7.94 -0.78
CA SER A 96 15.15 -7.25 -0.39
C SER A 96 15.10 -6.86 1.09
N PRO A 22 -5.94 7.12 4.75
CA PRO A 22 -6.72 5.92 5.06
C PRO A 22 -6.01 4.98 6.03
N TYR A 23 -4.69 5.16 6.15
CA TYR A 23 -3.89 4.34 7.05
C TYR A 23 -3.28 5.21 8.14
N LYS A 24 -3.19 4.68 9.35
CA LYS A 24 -2.65 5.44 10.47
C LYS A 24 -1.41 4.79 11.08
N THR A 25 -1.41 3.46 11.21
CA THR A 25 -0.26 2.77 11.79
C THR A 25 0.27 1.68 10.86
N LYS A 26 -0.56 0.67 10.59
CA LYS A 26 -0.19 -0.44 9.74
C LYS A 26 -1.35 -1.42 9.62
N SER A 27 -1.90 -1.82 10.76
CA SER A 27 -3.02 -2.75 10.78
C SER A 27 -4.22 -2.14 10.07
N ASP A 28 -4.19 -0.82 9.86
CA ASP A 28 -5.26 -0.12 9.18
C ASP A 28 -5.34 -0.54 7.71
N LEU A 29 -4.26 -1.12 7.21
CA LEU A 29 -4.22 -1.58 5.82
C LEU A 29 -5.37 -2.52 5.50
N PRO A 30 -5.62 -2.76 4.21
CA PRO A 30 -6.71 -3.64 3.75
C PRO A 30 -6.50 -5.08 4.14
N GLU A 31 -7.59 -5.72 4.57
CA GLU A 31 -7.54 -7.13 4.97
C GLU A 31 -6.83 -7.97 3.91
N SER A 32 -7.26 -7.81 2.65
CA SER A 32 -6.65 -8.54 1.54
C SER A 32 -5.16 -8.23 1.43
N VAL A 33 -4.73 -7.18 2.12
CA VAL A 33 -3.33 -6.77 2.13
C VAL A 33 -2.63 -7.36 3.34
N LYS A 34 -3.21 -7.13 4.51
CA LYS A 34 -2.65 -7.63 5.76
C LYS A 34 -2.70 -9.17 5.78
N HIS A 35 -3.70 -9.74 5.09
CA HIS A 35 -3.86 -11.20 5.03
C HIS A 35 -2.95 -11.81 3.96
N VAL A 36 -1.84 -11.15 3.70
CA VAL A 36 -0.89 -11.61 2.70
C VAL A 36 0.48 -10.99 2.96
N LEU A 37 0.50 -9.77 3.48
CA LEU A 37 1.74 -9.09 3.80
C LEU A 37 2.26 -9.56 5.15
N PRO A 38 3.54 -9.92 5.17
CA PRO A 38 4.23 -10.43 6.37
C PRO A 38 4.14 -9.50 7.58
N SER A 39 5.05 -8.55 7.70
CA SER A 39 5.04 -7.62 8.82
C SER A 39 5.48 -6.23 8.39
N HIS A 40 6.79 -6.07 8.17
CA HIS A 40 7.34 -4.79 7.74
C HIS A 40 6.78 -4.38 6.38
N ALA A 41 6.13 -5.32 5.69
CA ALA A 41 5.56 -5.05 4.38
C ALA A 41 4.38 -4.11 4.50
N GLN A 42 3.63 -4.25 5.59
CA GLN A 42 2.47 -3.42 5.84
C GLN A 42 2.90 -1.98 6.12
N ASP A 43 4.02 -1.84 6.83
CA ASP A 43 4.57 -0.53 7.12
C ASP A 43 5.03 0.07 5.79
N ILE A 44 5.70 -0.77 5.01
CA ILE A 44 6.16 -0.39 3.69
C ILE A 44 4.97 0.06 2.87
N TYR A 45 3.99 -0.82 2.78
CA TYR A 45 2.75 -0.56 2.06
C TYR A 45 2.18 0.79 2.48
N LYS A 46 1.83 0.89 3.76
CA LYS A 46 1.25 2.11 4.31
C LYS A 46 2.12 3.33 4.00
N GLU A 47 3.40 3.24 4.31
CA GLU A 47 4.33 4.35 4.07
C GLU A 47 4.36 4.75 2.60
N ALA A 48 4.33 3.76 1.72
CA ALA A 48 4.34 4.03 0.29
C ALA A 48 2.98 4.56 -0.14
N PHE A 49 1.94 3.97 0.42
CA PHE A 49 0.59 4.39 0.12
C PHE A 49 0.39 5.84 0.54
N ASN A 50 0.75 6.15 1.78
CA ASN A 50 0.62 7.50 2.31
C ASN A 50 1.40 8.51 1.46
N SER A 51 2.63 8.16 1.12
CA SER A 51 3.47 9.04 0.31
C SER A 51 2.74 9.39 -0.98
N ALA A 52 2.16 8.38 -1.61
CA ALA A 52 1.41 8.60 -2.84
C ALA A 52 0.15 9.40 -2.55
N TRP A 53 -0.40 9.19 -1.36
CA TRP A 53 -1.60 9.92 -0.93
C TRP A 53 -1.28 11.40 -0.78
N ASP A 54 -0.22 11.70 -0.03
CA ASP A 54 0.21 13.08 0.18
C ASP A 54 0.74 13.67 -1.12
N GLN A 55 1.45 12.83 -1.88
CA GLN A 55 2.01 13.27 -3.16
C GLN A 55 0.90 13.53 -4.16
N TYR A 56 -0.21 12.86 -3.96
CA TYR A 56 -1.38 13.01 -4.83
C TYR A 56 -2.07 14.34 -4.57
N LYS A 57 -1.30 15.43 -4.57
CA LYS A 57 -1.85 16.76 -4.33
C LYS A 57 -2.55 17.29 -5.58
N ASP A 58 -2.61 16.47 -6.62
CA ASP A 58 -3.25 16.86 -7.87
C ASP A 58 -4.76 16.78 -7.73
N LYS A 59 -5.23 15.83 -6.94
CA LYS A 59 -6.65 15.64 -6.73
C LYS A 59 -6.92 14.54 -5.71
N GLU A 60 -6.19 14.59 -4.61
CA GLU A 60 -6.34 13.59 -3.54
C GLU A 60 -7.68 13.71 -2.82
N ASP A 61 -7.93 14.86 -2.20
CA ASP A 61 -9.17 15.05 -1.45
C ASP A 61 -10.10 16.03 -2.15
N ARG A 62 -10.23 15.88 -3.46
CA ARG A 62 -11.11 16.76 -4.23
C ARG A 62 -12.41 16.03 -4.61
N ARG A 63 -12.64 15.79 -5.90
CA ARG A 63 -13.85 15.11 -6.34
C ARG A 63 -13.57 13.63 -6.59
N ASP A 64 -12.43 13.34 -7.20
CA ASP A 64 -12.04 11.97 -7.50
C ASP A 64 -11.08 11.44 -6.44
N ASP A 65 -11.50 11.54 -5.18
CA ASP A 65 -10.69 11.10 -4.05
C ASP A 65 -10.33 9.62 -4.16
N ALA A 66 -11.25 8.80 -4.65
CA ALA A 66 -10.99 7.37 -4.78
C ALA A 66 -9.73 7.11 -5.60
N SER A 67 -9.57 7.85 -6.69
CA SER A 67 -8.40 7.71 -7.54
C SER A 67 -7.14 7.79 -6.70
N ARG A 68 -7.13 8.75 -5.78
CA ARG A 68 -6.00 8.92 -4.87
C ARG A 68 -5.75 7.60 -4.16
N GLU A 69 -6.73 7.18 -3.37
CA GLU A 69 -6.64 5.93 -2.64
C GLU A 69 -6.18 4.82 -3.58
N GLU A 70 -6.88 4.71 -4.71
CA GLU A 70 -6.53 3.73 -5.73
C GLU A 70 -5.05 3.80 -6.07
N THR A 71 -4.61 4.96 -6.58
CA THR A 71 -3.21 5.15 -6.92
C THR A 71 -2.31 4.79 -5.75
N ALA A 72 -2.61 5.36 -4.59
CA ALA A 72 -1.82 5.06 -3.40
C ALA A 72 -1.67 3.56 -3.24
N HIS A 73 -2.77 2.84 -3.42
CA HIS A 73 -2.75 1.39 -3.34
C HIS A 73 -1.73 0.87 -4.35
N LYS A 74 -1.82 1.40 -5.58
CA LYS A 74 -0.92 1.02 -6.66
C LYS A 74 0.53 1.30 -6.29
N VAL A 75 0.75 2.46 -5.68
CA VAL A 75 2.09 2.85 -5.25
C VAL A 75 2.58 1.95 -4.12
N ALA A 76 1.83 1.93 -3.03
CA ALA A 76 2.19 1.13 -1.87
C ALA A 76 2.59 -0.28 -2.27
N TRP A 77 1.78 -0.89 -3.11
CA TRP A 77 2.07 -2.24 -3.59
C TRP A 77 3.43 -2.25 -4.27
N ALA A 78 3.69 -1.21 -5.06
CA ALA A 78 4.96 -1.10 -5.76
C ALA A 78 6.11 -1.24 -4.76
N ALA A 79 5.99 -0.56 -3.63
CA ALA A 79 6.99 -0.64 -2.57
C ALA A 79 7.02 -2.05 -2.03
N VAL A 80 5.82 -2.59 -1.79
CA VAL A 80 5.67 -3.93 -1.28
C VAL A 80 6.30 -4.94 -2.23
N LYS A 81 6.00 -4.82 -3.52
CA LYS A 81 6.55 -5.72 -4.52
C LYS A 81 8.06 -5.54 -4.66
N HIS A 82 8.57 -4.44 -4.14
CA HIS A 82 10.00 -4.15 -4.21
C HIS A 82 10.74 -4.82 -3.05
N GLU A 83 10.20 -4.65 -1.86
CA GLU A 83 10.79 -5.22 -0.65
C GLU A 83 10.15 -6.57 -0.31
N TYR A 84 9.02 -6.86 -0.94
CA TYR A 84 8.30 -8.10 -0.69
C TYR A 84 7.86 -8.77 -1.99
N ALA A 85 7.82 -10.11 -1.98
CA ALA A 85 7.43 -10.89 -3.15
C ALA A 85 6.25 -11.80 -2.84
N LYS A 86 5.39 -12.01 -3.83
CA LYS A 86 4.23 -12.89 -3.65
C LYS A 86 4.59 -14.30 -4.08
N GLY A 87 4.52 -15.25 -3.15
CA GLY A 87 4.83 -16.61 -3.49
C GLY A 87 3.88 -17.16 -4.53
N ASP A 88 3.95 -18.45 -4.79
CA ASP A 88 3.09 -19.06 -5.79
C ASP A 88 1.70 -19.38 -5.25
N ASP A 89 1.21 -18.57 -4.30
CA ASP A 89 -0.12 -18.79 -3.73
C ASP A 89 -0.94 -17.52 -3.79
N ASP A 90 -0.78 -16.69 -2.78
CA ASP A 90 -1.47 -15.42 -2.68
C ASP A 90 -0.96 -14.69 -1.45
N LYS A 91 0.28 -14.99 -1.10
CA LYS A 91 0.93 -14.38 0.04
C LYS A 91 2.25 -13.75 -0.38
N TRP A 92 2.72 -12.81 0.43
CA TRP A 92 3.96 -12.13 0.12
C TRP A 92 5.02 -12.36 1.22
N HIS A 93 6.28 -12.21 0.83
CA HIS A 93 7.40 -12.36 1.75
C HIS A 93 8.49 -11.35 1.37
N LYS A 94 9.14 -10.77 2.37
CA LYS A 94 10.15 -9.76 2.10
C LYS A 94 11.27 -10.25 1.21
N LYS A 95 11.42 -9.55 0.09
CA LYS A 95 12.45 -9.85 -0.87
C LYS A 95 13.77 -9.22 -0.44
N SER A 96 13.93 -7.92 -0.72
CA SER A 96 15.12 -7.19 -0.36
C SER A 96 15.09 -6.78 1.11
N PRO A 22 -5.98 6.92 4.56
CA PRO A 22 -6.74 5.69 4.82
C PRO A 22 -6.05 4.79 5.83
N TYR A 23 -4.75 5.00 6.03
CA TYR A 23 -3.97 4.21 6.97
C TYR A 23 -3.45 5.09 8.10
N LYS A 24 -3.45 4.56 9.32
CA LYS A 24 -2.98 5.34 10.47
C LYS A 24 -1.72 4.77 11.09
N THR A 25 -1.64 3.45 11.26
CA THR A 25 -0.45 2.83 11.84
C THR A 25 0.10 1.73 10.93
N LYS A 26 -0.74 0.74 10.65
CA LYS A 26 -0.36 -0.39 9.80
C LYS A 26 -1.54 -1.34 9.64
N SER A 27 -2.13 -1.73 10.77
CA SER A 27 -3.28 -2.62 10.76
C SER A 27 -4.43 -1.99 9.98
N ASP A 28 -4.38 -0.67 9.80
CA ASP A 28 -5.40 0.04 9.06
C ASP A 28 -5.43 -0.42 7.60
N LEU A 29 -4.34 -1.03 7.16
CA LEU A 29 -4.25 -1.52 5.80
C LEU A 29 -5.40 -2.46 5.46
N PRO A 30 -5.65 -2.68 4.16
CA PRO A 30 -6.73 -3.55 3.70
C PRO A 30 -6.51 -5.01 4.06
N GLU A 31 -7.61 -5.68 4.43
CA GLU A 31 -7.54 -7.09 4.80
C GLU A 31 -6.76 -7.88 3.75
N SER A 32 -7.11 -7.68 2.48
CA SER A 32 -6.42 -8.37 1.38
C SER A 32 -4.94 -8.02 1.36
N VAL A 33 -4.57 -6.94 2.06
CA VAL A 33 -3.20 -6.51 2.13
C VAL A 33 -2.53 -7.15 3.35
N LYS A 34 -3.16 -6.97 4.50
CA LYS A 34 -2.64 -7.52 5.75
C LYS A 34 -2.70 -9.05 5.74
N HIS A 35 -3.67 -9.61 5.01
CA HIS A 35 -3.84 -11.07 4.92
C HIS A 35 -2.88 -11.67 3.89
N VAL A 36 -1.82 -10.96 3.58
CA VAL A 36 -0.84 -11.40 2.61
C VAL A 36 0.53 -10.83 2.93
N LEU A 37 0.54 -9.64 3.52
CA LEU A 37 1.79 -8.98 3.88
C LEU A 37 2.33 -9.53 5.19
N PRO A 38 3.61 -9.89 5.17
CA PRO A 38 4.32 -10.46 6.31
C PRO A 38 4.27 -9.59 7.56
N SER A 39 5.10 -8.56 7.62
CA SER A 39 5.13 -7.67 8.79
C SER A 39 5.57 -6.26 8.40
N HIS A 40 6.85 -6.10 8.09
CA HIS A 40 7.37 -4.80 7.70
C HIS A 40 6.84 -4.39 6.33
N ALA A 41 6.19 -5.32 5.63
CA ALA A 41 5.63 -5.03 4.32
C ALA A 41 4.44 -4.09 4.45
N GLN A 42 3.76 -4.16 5.60
CA GLN A 42 2.62 -3.29 5.87
C GLN A 42 3.12 -1.88 6.14
N ASP A 43 4.20 -1.78 6.91
CA ASP A 43 4.80 -0.48 7.18
C ASP A 43 5.27 0.11 5.86
N ILE A 44 5.81 -0.76 5.03
CA ILE A 44 6.27 -0.38 3.70
C ILE A 44 5.06 0.05 2.89
N TYR A 45 4.08 -0.82 2.84
CA TYR A 45 2.85 -0.58 2.12
C TYR A 45 2.25 0.76 2.54
N LYS A 46 1.81 0.83 3.78
CA LYS A 46 1.20 2.04 4.33
C LYS A 46 2.06 3.28 4.07
N GLU A 47 3.32 3.21 4.45
CA GLU A 47 4.23 4.35 4.26
C GLU A 47 4.34 4.74 2.81
N ALA A 48 4.34 3.73 1.94
CA ALA A 48 4.42 3.99 0.52
C ALA A 48 3.09 4.54 0.02
N PHE A 49 2.01 3.98 0.56
CA PHE A 49 0.68 4.43 0.21
C PHE A 49 0.51 5.90 0.60
N ASN A 50 0.78 6.19 1.86
CA ASN A 50 0.67 7.55 2.38
C ASN A 50 1.47 8.52 1.51
N SER A 51 2.68 8.13 1.15
CA SER A 51 3.53 8.96 0.31
C SER A 51 2.82 9.30 -0.99
N ALA A 52 2.23 8.28 -1.62
CA ALA A 52 1.48 8.49 -2.85
C ALA A 52 0.23 9.29 -2.57
N TRP A 53 -0.33 9.10 -1.38
CA TRP A 53 -1.52 9.83 -0.96
C TRP A 53 -1.20 11.32 -0.83
N ASP A 54 -0.16 11.62 -0.03
CA ASP A 54 0.26 12.99 0.17
C ASP A 54 0.80 13.57 -1.13
N GLN A 55 1.49 12.74 -1.90
CA GLN A 55 2.05 13.18 -3.18
C GLN A 55 0.93 13.43 -4.17
N TYR A 56 -0.18 12.75 -3.97
CA TYR A 56 -1.36 12.87 -4.83
C TYR A 56 -2.06 14.21 -4.60
N LYS A 57 -1.31 15.30 -4.71
CA LYS A 57 -1.88 16.64 -4.52
C LYS A 57 -2.73 17.03 -5.73
N ASP A 58 -2.62 16.27 -6.81
CA ASP A 58 -3.37 16.53 -8.03
C ASP A 58 -4.85 16.24 -7.82
N LYS A 59 -5.13 15.15 -7.12
CA LYS A 59 -6.51 14.73 -6.85
C LYS A 59 -6.84 14.89 -5.37
N GLU A 60 -6.20 15.85 -4.72
CA GLU A 60 -6.43 16.10 -3.30
C GLU A 60 -7.77 16.78 -3.06
N ASP A 61 -8.09 17.76 -3.89
CA ASP A 61 -9.34 18.51 -3.76
C ASP A 61 -10.32 18.12 -4.84
N ARG A 62 -10.22 16.89 -5.33
CA ARG A 62 -11.11 16.41 -6.36
C ARG A 62 -12.11 15.42 -5.78
N ARG A 63 -13.29 15.40 -6.38
CA ARG A 63 -14.36 14.50 -5.94
C ARG A 63 -13.99 13.05 -6.19
N ASP A 64 -13.03 12.83 -7.08
CA ASP A 64 -12.57 11.48 -7.42
C ASP A 64 -11.43 11.06 -6.48
N ASP A 65 -11.63 11.27 -5.19
CA ASP A 65 -10.62 10.93 -4.19
C ASP A 65 -10.27 9.45 -4.22
N ALA A 66 -11.23 8.62 -4.63
CA ALA A 66 -10.99 7.18 -4.70
C ALA A 66 -9.77 6.89 -5.55
N SER A 67 -9.64 7.63 -6.65
CA SER A 67 -8.50 7.47 -7.55
C SER A 67 -7.23 7.62 -6.74
N ARG A 68 -7.20 8.65 -5.91
CA ARG A 68 -6.06 8.90 -5.04
C ARG A 68 -5.78 7.66 -4.22
N GLU A 69 -6.75 7.29 -3.38
CA GLU A 69 -6.62 6.09 -2.56
C GLU A 69 -6.15 4.93 -3.43
N GLU A 70 -6.82 4.75 -4.56
CA GLU A 70 -6.48 3.70 -5.51
C GLU A 70 -5.00 3.79 -5.91
N THR A 71 -4.61 4.93 -6.46
CA THR A 71 -3.22 5.13 -6.88
C THR A 71 -2.29 4.77 -5.72
N ALA A 72 -2.53 5.37 -4.56
CA ALA A 72 -1.73 5.09 -3.39
C ALA A 72 -1.63 3.59 -3.19
N HIS A 73 -2.77 2.90 -3.32
CA HIS A 73 -2.80 1.44 -3.21
C HIS A 73 -1.77 0.86 -4.17
N LYS A 74 -1.83 1.34 -5.42
CA LYS A 74 -0.92 0.91 -6.47
C LYS A 74 0.53 1.20 -6.09
N VAL A 75 0.77 2.41 -5.59
CA VAL A 75 2.10 2.81 -5.18
C VAL A 75 2.59 1.94 -4.02
N ALA A 76 1.84 1.96 -2.93
CA ALA A 76 2.20 1.16 -1.76
C ALA A 76 2.56 -0.26 -2.14
N TRP A 77 1.73 -0.88 -2.97
CA TRP A 77 1.98 -2.23 -3.42
C TRP A 77 3.33 -2.27 -4.15
N ALA A 78 3.56 -1.28 -5.00
CA ALA A 78 4.82 -1.20 -5.74
C ALA A 78 5.99 -1.35 -4.77
N ALA A 79 5.90 -0.65 -3.64
CA ALA A 79 6.91 -0.72 -2.61
C ALA A 79 6.96 -2.14 -2.06
N VAL A 80 5.77 -2.68 -1.80
CA VAL A 80 5.64 -4.02 -1.29
C VAL A 80 6.25 -5.02 -2.29
N LYS A 81 5.86 -4.93 -3.55
CA LYS A 81 6.40 -5.83 -4.57
C LYS A 81 7.90 -5.61 -4.76
N HIS A 82 8.40 -4.48 -4.26
CA HIS A 82 9.81 -4.15 -4.37
C HIS A 82 10.61 -4.80 -3.26
N GLU A 83 10.14 -4.63 -2.03
CA GLU A 83 10.79 -5.20 -0.86
C GLU A 83 10.20 -6.55 -0.50
N TYR A 84 9.05 -6.87 -1.10
CA TYR A 84 8.37 -8.13 -0.84
C TYR A 84 7.92 -8.81 -2.13
N ALA A 85 7.84 -10.13 -2.09
CA ALA A 85 7.43 -10.92 -3.24
C ALA A 85 6.23 -11.79 -2.89
N LYS A 86 5.31 -11.95 -3.83
CA LYS A 86 4.13 -12.80 -3.59
C LYS A 86 4.43 -14.21 -4.04
N GLY A 87 4.40 -15.16 -3.10
CA GLY A 87 4.69 -16.52 -3.46
C GLY A 87 3.73 -17.04 -4.51
N ASP A 88 3.81 -18.32 -4.81
CA ASP A 88 2.94 -18.92 -5.81
C ASP A 88 1.55 -19.23 -5.25
N ASP A 89 1.09 -18.42 -4.28
CA ASP A 89 -0.22 -18.62 -3.70
C ASP A 89 -1.01 -17.32 -3.72
N ASP A 90 -0.86 -16.55 -2.65
CA ASP A 90 -1.52 -15.27 -2.51
C ASP A 90 -0.97 -14.58 -1.30
N LYS A 91 0.28 -14.91 -0.98
CA LYS A 91 0.98 -14.34 0.15
C LYS A 91 2.31 -13.76 -0.29
N TRP A 92 2.88 -12.88 0.52
CA TRP A 92 4.15 -12.25 0.17
C TRP A 92 5.23 -12.51 1.21
N HIS A 93 6.48 -12.27 0.80
CA HIS A 93 7.65 -12.44 1.66
C HIS A 93 8.71 -11.42 1.23
N LYS A 94 9.36 -10.79 2.21
CA LYS A 94 10.36 -9.76 1.88
C LYS A 94 11.43 -10.24 0.93
N LYS A 95 11.53 -9.54 -0.19
CA LYS A 95 12.51 -9.83 -1.21
C LYS A 95 13.84 -9.12 -0.93
N SER A 96 13.74 -7.97 -0.27
CA SER A 96 14.90 -7.17 0.08
C SER A 96 15.29 -7.38 1.54
N PRO A 22 -6.01 6.83 4.74
CA PRO A 22 -6.78 5.63 5.07
C PRO A 22 -6.04 4.74 6.05
N TYR A 23 -4.72 4.95 6.15
CA TYR A 23 -3.88 4.19 7.05
C TYR A 23 -3.28 5.07 8.13
N LYS A 24 -3.20 4.56 9.35
CA LYS A 24 -2.66 5.33 10.46
C LYS A 24 -1.40 4.71 11.03
N THR A 25 -1.39 3.39 11.21
CA THR A 25 -0.22 2.70 11.75
C THR A 25 0.22 1.57 10.81
N LYS A 26 -0.70 0.65 10.55
CA LYS A 26 -0.44 -0.49 9.67
C LYS A 26 -1.66 -1.38 9.57
N SER A 27 -2.23 -1.71 10.73
CA SER A 27 -3.41 -2.57 10.78
C SER A 27 -4.55 -1.98 9.93
N ASP A 28 -4.52 -0.67 9.73
CA ASP A 28 -5.55 0.00 8.94
C ASP A 28 -5.52 -0.47 7.49
N LEU A 29 -4.42 -1.09 7.09
CA LEU A 29 -4.28 -1.57 5.72
C LEU A 29 -5.42 -2.52 5.34
N PRO A 30 -5.61 -2.77 4.04
CA PRO A 30 -6.67 -3.64 3.53
C PRO A 30 -6.49 -5.09 3.95
N GLU A 31 -7.59 -5.73 4.31
CA GLU A 31 -7.56 -7.12 4.74
C GLU A 31 -6.85 -7.98 3.68
N SER A 32 -7.16 -7.75 2.41
CA SER A 32 -6.53 -8.48 1.32
C SER A 32 -5.04 -8.17 1.24
N VAL A 33 -4.63 -7.14 1.96
CA VAL A 33 -3.25 -6.73 2.00
C VAL A 33 -2.56 -7.32 3.23
N LYS A 34 -3.16 -7.06 4.39
CA LYS A 34 -2.63 -7.56 5.66
C LYS A 34 -2.70 -9.10 5.70
N HIS A 35 -3.64 -9.67 4.95
CA HIS A 35 -3.83 -11.12 4.90
C HIS A 35 -2.84 -11.79 3.94
N VAL A 36 -1.92 -10.99 3.41
CA VAL A 36 -0.93 -11.47 2.47
C VAL A 36 0.45 -10.89 2.79
N LEU A 37 0.46 -9.71 3.39
CA LEU A 37 1.70 -9.05 3.75
C LEU A 37 2.21 -9.57 5.10
N PRO A 38 3.49 -9.93 5.13
CA PRO A 38 4.16 -10.49 6.32
C PRO A 38 4.08 -9.58 7.55
N SER A 39 4.98 -8.60 7.66
CA SER A 39 4.97 -7.70 8.81
C SER A 39 5.42 -6.30 8.42
N HIS A 40 6.71 -6.15 8.14
CA HIS A 40 7.25 -4.86 7.74
C HIS A 40 6.74 -4.44 6.37
N ALA A 41 6.09 -5.37 5.67
CA ALA A 41 5.56 -5.07 4.34
C ALA A 41 4.37 -4.12 4.47
N GLN A 42 3.70 -4.18 5.60
CA GLN A 42 2.55 -3.32 5.87
C GLN A 42 3.05 -1.91 6.13
N ASP A 43 4.17 -1.80 6.87
CA ASP A 43 4.77 -0.51 7.14
C ASP A 43 5.22 0.08 5.81
N ILE A 44 5.84 -0.78 5.01
CA ILE A 44 6.30 -0.42 3.68
C ILE A 44 5.11 0.03 2.86
N TYR A 45 4.11 -0.84 2.81
CA TYR A 45 2.88 -0.57 2.08
C TYR A 45 2.28 0.76 2.50
N LYS A 46 1.87 0.83 3.76
CA LYS A 46 1.27 2.04 4.30
C LYS A 46 2.13 3.28 4.05
N GLU A 47 3.39 3.21 4.43
CA GLU A 47 4.31 4.32 4.25
C GLU A 47 4.39 4.74 2.79
N ALA A 48 4.38 3.76 1.90
CA ALA A 48 4.43 4.04 0.47
C ALA A 48 3.09 4.57 0.00
N PHE A 49 2.01 3.99 0.55
CA PHE A 49 0.66 4.42 0.21
C PHE A 49 0.47 5.87 0.62
N ASN A 50 0.83 6.20 1.87
CA ASN A 50 0.68 7.55 2.38
C ASN A 50 1.42 8.54 1.49
N SER A 51 2.63 8.18 1.08
CA SER A 51 3.45 9.02 0.21
C SER A 51 2.68 9.35 -1.06
N ALA A 52 2.08 8.33 -1.65
CA ALA A 52 1.29 8.50 -2.86
C ALA A 52 0.01 9.27 -2.55
N TRP A 53 -0.51 9.06 -1.35
CA TRP A 53 -1.72 9.74 -0.89
C TRP A 53 -1.43 11.24 -0.78
N ASP A 54 -0.37 11.58 -0.05
CA ASP A 54 0.02 12.98 0.14
C ASP A 54 0.57 13.56 -1.16
N GLN A 55 1.25 12.72 -1.94
CA GLN A 55 1.82 13.15 -3.20
C GLN A 55 0.70 13.46 -4.19
N TYR A 56 -0.44 12.83 -3.98
CA TYR A 56 -1.61 13.00 -4.83
C TYR A 56 -2.23 14.39 -4.64
N LYS A 57 -1.40 15.42 -4.67
CA LYS A 57 -1.87 16.79 -4.51
C LYS A 57 -2.54 17.28 -5.79
N ASP A 58 -2.54 16.45 -6.82
CA ASP A 58 -3.14 16.80 -8.10
C ASP A 58 -4.67 16.87 -8.00
N LYS A 59 -5.25 15.98 -7.20
CA LYS A 59 -6.70 15.93 -7.04
C LYS A 59 -7.12 14.85 -6.04
N GLU A 60 -6.48 14.84 -4.90
CA GLU A 60 -6.75 13.82 -3.87
C GLU A 60 -7.97 14.16 -3.00
N ASP A 61 -8.01 15.38 -2.48
CA ASP A 61 -9.11 15.78 -1.62
C ASP A 61 -10.12 16.65 -2.36
N ARG A 62 -10.32 16.31 -3.62
CA ARG A 62 -11.26 17.05 -4.45
C ARG A 62 -12.52 16.21 -4.69
N ARG A 63 -12.79 15.83 -5.94
CA ARG A 63 -13.97 15.03 -6.26
C ARG A 63 -13.63 13.55 -6.38
N ASP A 64 -12.55 13.24 -7.08
CA ASP A 64 -12.13 11.86 -7.31
C ASP A 64 -11.11 11.40 -6.27
N ASP A 65 -11.47 11.52 -5.00
CA ASP A 65 -10.58 11.11 -3.91
C ASP A 65 -10.23 9.63 -4.02
N ALA A 66 -11.18 8.82 -4.48
CA ALA A 66 -10.95 7.39 -4.62
C ALA A 66 -9.72 7.11 -5.49
N SER A 67 -9.61 7.82 -6.60
CA SER A 67 -8.47 7.66 -7.50
C SER A 67 -7.18 7.79 -6.70
N ARG A 68 -7.14 8.80 -5.84
CA ARG A 68 -5.98 9.01 -4.99
C ARG A 68 -5.72 7.75 -4.19
N GLU A 69 -6.68 7.39 -3.35
CA GLU A 69 -6.59 6.19 -2.54
C GLU A 69 -6.15 5.03 -3.41
N GLU A 70 -6.84 4.87 -4.55
CA GLU A 70 -6.53 3.82 -5.51
C GLU A 70 -5.04 3.88 -5.87
N THR A 71 -4.62 5.01 -6.43
CA THR A 71 -3.23 5.19 -6.82
C THR A 71 -2.31 4.82 -5.68
N ALA A 72 -2.58 5.37 -4.50
CA ALA A 72 -1.77 5.06 -3.33
C ALA A 72 -1.63 3.55 -3.20
N HIS A 73 -2.76 2.85 -3.32
CA HIS A 73 -2.75 1.40 -3.26
C HIS A 73 -1.73 0.88 -4.27
N LYS A 74 -1.84 1.40 -5.49
CA LYS A 74 -0.95 1.03 -6.59
C LYS A 74 0.51 1.32 -6.24
N VAL A 75 0.75 2.49 -5.66
CA VAL A 75 2.09 2.88 -5.29
C VAL A 75 2.61 2.02 -4.15
N ALA A 76 1.89 2.01 -3.04
CA ALA A 76 2.27 1.22 -1.88
C ALA A 76 2.68 -0.19 -2.29
N TRP A 77 1.85 -0.82 -3.11
CA TRP A 77 2.15 -2.16 -3.58
C TRP A 77 3.51 -2.17 -4.26
N ALA A 78 3.77 -1.16 -5.07
CA ALA A 78 5.06 -1.04 -5.76
C ALA A 78 6.20 -1.21 -4.76
N ALA A 79 6.07 -0.54 -3.61
CA ALA A 79 7.06 -0.64 -2.56
C ALA A 79 7.08 -2.05 -2.02
N VAL A 80 5.89 -2.60 -1.78
CA VAL A 80 5.74 -3.95 -1.29
C VAL A 80 6.36 -4.93 -2.28
N LYS A 81 6.01 -4.82 -3.56
CA LYS A 81 6.54 -5.70 -4.59
C LYS A 81 8.05 -5.52 -4.75
N HIS A 82 8.57 -4.42 -4.21
CA HIS A 82 10.00 -4.13 -4.30
C HIS A 82 10.76 -4.80 -3.16
N GLU A 83 10.23 -4.65 -1.95
CA GLU A 83 10.85 -5.23 -0.75
C GLU A 83 10.23 -6.58 -0.41
N TYR A 84 9.10 -6.89 -1.04
CA TYR A 84 8.40 -8.14 -0.78
C TYR A 84 7.99 -8.82 -2.08
N ALA A 85 7.93 -10.16 -2.04
CA ALA A 85 7.57 -10.96 -3.20
C ALA A 85 6.37 -11.84 -2.90
N LYS A 86 5.52 -12.06 -3.90
CA LYS A 86 4.34 -12.89 -3.73
C LYS A 86 4.59 -14.30 -4.25
N GLY A 87 4.48 -15.29 -3.37
CA GLY A 87 4.69 -16.66 -3.79
C GLY A 87 3.50 -17.23 -4.54
N ASP A 88 3.42 -18.55 -4.63
CA ASP A 88 2.32 -19.19 -5.35
C ASP A 88 1.16 -19.53 -4.42
N ASP A 89 0.94 -18.71 -3.40
CA ASP A 89 -0.16 -18.93 -2.47
C ASP A 89 -0.95 -17.64 -2.22
N ASP A 90 -0.63 -16.60 -2.98
CA ASP A 90 -1.28 -15.30 -2.85
C ASP A 90 -0.82 -14.60 -1.59
N LYS A 91 0.42 -14.88 -1.20
CA LYS A 91 1.00 -14.28 -0.02
C LYS A 91 2.36 -13.70 -0.37
N TRP A 92 2.84 -12.77 0.45
CA TRP A 92 4.13 -12.13 0.16
C TRP A 92 5.19 -12.43 1.23
N HIS A 93 6.44 -12.22 0.83
CA HIS A 93 7.59 -12.42 1.70
C HIS A 93 8.66 -11.38 1.33
N LYS A 94 9.28 -10.77 2.33
CA LYS A 94 10.27 -9.74 2.05
C LYS A 94 11.38 -10.23 1.13
N LYS A 95 11.52 -9.53 0.03
CA LYS A 95 12.53 -9.81 -0.96
C LYS A 95 13.85 -9.17 -0.53
N SER A 96 13.98 -7.88 -0.81
CA SER A 96 15.19 -7.13 -0.46
C SER A 96 15.13 -6.64 0.99
N PRO A 22 -5.89 7.17 4.78
CA PRO A 22 -6.72 6.01 5.11
C PRO A 22 -6.04 5.07 6.09
N TYR A 23 -4.72 5.19 6.20
CA TYR A 23 -3.95 4.36 7.11
C TYR A 23 -3.29 5.23 8.18
N LYS A 24 -3.21 4.71 9.40
CA LYS A 24 -2.63 5.48 10.50
C LYS A 24 -1.40 4.81 11.09
N THR A 25 -1.44 3.48 11.25
CA THR A 25 -0.31 2.76 11.81
C THR A 25 0.13 1.64 10.88
N LYS A 26 -0.76 0.66 10.67
CA LYS A 26 -0.47 -0.48 9.81
C LYS A 26 -1.66 -1.42 9.77
N SER A 27 -2.16 -1.79 10.94
CA SER A 27 -3.31 -2.69 11.03
C SER A 27 -4.50 -2.12 10.24
N ASP A 28 -4.48 -0.81 10.03
CA ASP A 28 -5.54 -0.14 9.29
C ASP A 28 -5.49 -0.52 7.81
N LEU A 29 -4.42 -1.19 7.40
CA LEU A 29 -4.27 -1.60 6.00
C LEU A 29 -5.41 -2.54 5.59
N PRO A 30 -5.57 -2.75 4.27
CA PRO A 30 -6.62 -3.62 3.74
C PRO A 30 -6.43 -5.08 4.13
N GLU A 31 -7.52 -5.71 4.55
CA GLU A 31 -7.48 -7.11 4.96
C GLU A 31 -6.76 -7.95 3.90
N SER A 32 -7.15 -7.78 2.65
CA SER A 32 -6.51 -8.49 1.55
C SER A 32 -5.01 -8.17 1.48
N VAL A 33 -4.62 -7.09 2.14
CA VAL A 33 -3.22 -6.68 2.18
C VAL A 33 -2.55 -7.29 3.41
N LYS A 34 -3.14 -7.06 4.57
CA LYS A 34 -2.61 -7.57 5.83
C LYS A 34 -2.64 -9.11 5.85
N HIS A 35 -3.63 -9.68 5.15
CA HIS A 35 -3.80 -11.14 5.09
C HIS A 35 -2.88 -11.77 4.04
N VAL A 36 -1.82 -11.06 3.71
CA VAL A 36 -0.85 -11.54 2.72
C VAL A 36 0.52 -10.97 3.03
N LEU A 37 0.54 -9.72 3.48
CA LEU A 37 1.79 -9.07 3.82
C LEU A 37 2.28 -9.52 5.18
N PRO A 38 3.55 -9.92 5.22
CA PRO A 38 4.22 -10.44 6.42
C PRO A 38 4.11 -9.51 7.63
N SER A 39 4.96 -8.48 7.69
CA SER A 39 4.93 -7.55 8.81
C SER A 39 5.44 -6.17 8.39
N HIS A 40 6.75 -6.05 8.22
CA HIS A 40 7.35 -4.79 7.79
C HIS A 40 6.82 -4.36 6.43
N ALA A 41 6.17 -5.28 5.72
CA ALA A 41 5.61 -4.99 4.41
C ALA A 41 4.42 -4.04 4.53
N GLN A 42 3.72 -4.14 5.65
CA GLN A 42 2.57 -3.29 5.91
C GLN A 42 3.04 -1.87 6.18
N ASP A 43 4.16 -1.74 6.89
CA ASP A 43 4.75 -0.44 7.16
C ASP A 43 5.19 0.16 5.83
N ILE A 44 5.77 -0.71 5.01
CA ILE A 44 6.21 -0.35 3.67
C ILE A 44 5.01 0.07 2.84
N TYR A 45 4.03 -0.81 2.80
CA TYR A 45 2.80 -0.58 2.06
C TYR A 45 2.17 0.74 2.48
N LYS A 46 1.93 0.89 3.78
CA LYS A 46 1.32 2.10 4.32
C LYS A 46 2.16 3.33 4.01
N GLU A 47 3.45 3.26 4.34
CA GLU A 47 4.36 4.39 4.11
C GLU A 47 4.41 4.76 2.63
N ALA A 48 4.41 3.74 1.78
CA ALA A 48 4.44 3.97 0.34
C ALA A 48 3.09 4.52 -0.11
N PHE A 49 2.03 3.96 0.46
CA PHE A 49 0.68 4.40 0.15
C PHE A 49 0.52 5.88 0.51
N ASN A 50 0.85 6.20 1.76
CA ASN A 50 0.75 7.57 2.26
C ASN A 50 1.48 8.53 1.33
N SER A 51 2.68 8.14 0.91
CA SER A 51 3.48 8.96 0.01
C SER A 51 2.69 9.29 -1.25
N ALA A 52 2.07 8.27 -1.82
CA ALA A 52 1.25 8.44 -3.01
C ALA A 52 0.00 9.25 -2.68
N TRP A 53 -0.47 9.10 -1.44
CA TRP A 53 -1.64 9.84 -0.98
C TRP A 53 -1.31 11.32 -0.90
N ASP A 54 -0.22 11.64 -0.20
CA ASP A 54 0.23 13.04 -0.07
C ASP A 54 0.77 13.55 -1.40
N GLN A 55 1.38 12.65 -2.16
CA GLN A 55 1.93 13.04 -3.46
C GLN A 55 0.80 13.37 -4.42
N TYR A 56 -0.36 12.80 -4.17
CA TYR A 56 -1.54 13.03 -4.98
C TYR A 56 -2.08 14.44 -4.77
N LYS A 57 -1.19 15.42 -4.77
CA LYS A 57 -1.58 16.81 -4.58
C LYS A 57 -2.17 17.39 -5.85
N ASP A 58 -2.24 16.58 -6.90
CA ASP A 58 -2.79 17.01 -8.17
C ASP A 58 -4.29 17.22 -8.04
N LYS A 59 -4.97 16.15 -7.64
CA LYS A 59 -6.41 16.20 -7.44
C LYS A 59 -6.87 15.00 -6.61
N GLU A 60 -6.49 15.01 -5.35
CA GLU A 60 -6.83 13.93 -4.43
C GLU A 60 -8.09 14.26 -3.64
N ASP A 61 -8.24 15.52 -3.27
CA ASP A 61 -9.42 15.94 -2.51
C ASP A 61 -10.37 16.70 -3.40
N ARG A 62 -10.59 16.17 -4.58
CA ARG A 62 -11.50 16.77 -5.54
C ARG A 62 -12.82 16.00 -5.55
N ARG A 63 -13.25 15.55 -6.72
CA ARG A 63 -14.48 14.79 -6.85
C ARG A 63 -14.17 13.29 -6.87
N ASP A 64 -12.97 12.96 -7.39
CA ASP A 64 -12.55 11.57 -7.48
C ASP A 64 -11.42 11.24 -6.49
N ASP A 65 -11.63 11.55 -5.22
CA ASP A 65 -10.63 11.28 -4.19
C ASP A 65 -10.29 9.80 -4.15
N ALA A 66 -11.25 8.95 -4.49
CA ALA A 66 -11.03 7.52 -4.50
C ALA A 66 -9.82 7.19 -5.36
N SER A 67 -9.70 7.92 -6.47
CA SER A 67 -8.59 7.73 -7.38
C SER A 67 -7.28 7.84 -6.61
N ARG A 68 -7.20 8.87 -5.77
CA ARG A 68 -6.04 9.08 -4.94
C ARG A 68 -5.75 7.81 -4.16
N GLU A 69 -6.70 7.46 -3.28
CA GLU A 69 -6.58 6.25 -2.48
C GLU A 69 -6.18 5.09 -3.37
N GLU A 70 -6.90 4.94 -4.47
CA GLU A 70 -6.61 3.89 -5.45
C GLU A 70 -5.15 3.94 -5.87
N THR A 71 -4.73 5.06 -6.44
CA THR A 71 -3.34 5.21 -6.88
C THR A 71 -2.39 4.85 -5.74
N ALA A 72 -2.67 5.38 -4.56
CA ALA A 72 -1.84 5.09 -3.40
C ALA A 72 -1.70 3.58 -3.23
N HIS A 73 -2.82 2.87 -3.37
CA HIS A 73 -2.80 1.42 -3.27
C HIS A 73 -1.78 0.88 -4.28
N LYS A 74 -1.88 1.40 -5.50
CA LYS A 74 -0.99 1.00 -6.58
C LYS A 74 0.47 1.28 -6.22
N VAL A 75 0.72 2.49 -5.73
CA VAL A 75 2.07 2.88 -5.35
C VAL A 75 2.58 2.00 -4.20
N ALA A 76 1.85 2.01 -3.09
CA ALA A 76 2.23 1.21 -1.93
C ALA A 76 2.62 -0.20 -2.33
N TRP A 77 1.80 -0.82 -3.17
CA TRP A 77 2.08 -2.17 -3.63
C TRP A 77 3.43 -2.20 -4.33
N ALA A 78 3.71 -1.18 -5.13
CA ALA A 78 5.00 -1.10 -5.82
C ALA A 78 6.14 -1.30 -4.82
N ALA A 79 6.02 -0.61 -3.68
CA ALA A 79 7.00 -0.73 -2.62
C ALA A 79 7.00 -2.16 -2.09
N VAL A 80 5.81 -2.67 -1.83
CA VAL A 80 5.65 -4.02 -1.35
C VAL A 80 6.26 -5.02 -2.33
N LYS A 81 5.93 -4.88 -3.61
CA LYS A 81 6.48 -5.77 -4.63
C LYS A 81 8.00 -5.59 -4.75
N HIS A 82 8.51 -4.49 -4.20
CA HIS A 82 9.94 -4.21 -4.23
C HIS A 82 10.64 -4.89 -3.07
N GLU A 83 10.12 -4.68 -1.87
CA GLU A 83 10.70 -5.26 -0.67
C GLU A 83 10.07 -6.61 -0.35
N TYR A 84 8.97 -6.91 -1.01
CA TYR A 84 8.26 -8.18 -0.80
C TYR A 84 7.85 -8.81 -2.12
N ALA A 85 7.85 -10.15 -2.13
CA ALA A 85 7.48 -10.91 -3.32
C ALA A 85 6.33 -11.87 -3.02
N LYS A 86 5.52 -12.16 -4.04
CA LYS A 86 4.41 -13.10 -3.88
C LYS A 86 4.87 -14.49 -4.29
N GLY A 87 4.71 -15.46 -3.40
CA GLY A 87 5.13 -16.81 -3.71
C GLY A 87 4.15 -17.50 -4.63
N ASP A 88 4.29 -18.82 -4.78
CA ASP A 88 3.39 -19.57 -5.65
C ASP A 88 1.97 -19.60 -5.11
N ASP A 89 1.59 -18.60 -4.30
CA ASP A 89 0.27 -18.51 -3.76
C ASP A 89 -0.16 -17.05 -3.77
N ASP A 90 -1.15 -16.69 -2.97
CA ASP A 90 -1.60 -15.31 -2.90
C ASP A 90 -1.06 -14.61 -1.67
N LYS A 91 0.18 -14.93 -1.34
CA LYS A 91 0.84 -14.35 -0.18
C LYS A 91 2.20 -13.78 -0.57
N TRP A 92 2.69 -12.85 0.23
CA TRP A 92 3.97 -12.20 -0.06
C TRP A 92 5.00 -12.44 1.05
N HIS A 93 6.27 -12.38 0.66
CA HIS A 93 7.40 -12.54 1.58
C HIS A 93 8.47 -11.51 1.23
N LYS A 94 9.11 -10.92 2.23
CA LYS A 94 10.11 -9.89 1.98
C LYS A 94 11.24 -10.35 1.08
N LYS A 95 11.42 -9.59 0.01
CA LYS A 95 12.46 -9.85 -0.97
C LYS A 95 13.77 -9.18 -0.54
N SER A 96 13.63 -8.06 0.14
CA SER A 96 14.78 -7.30 0.64
C SER A 96 14.83 -7.33 2.16
N PRO A 22 -5.49 8.07 4.57
CA PRO A 22 -6.53 7.06 4.76
C PRO A 22 -6.07 5.96 5.72
N TYR A 23 -4.76 5.78 5.83
CA TYR A 23 -4.19 4.77 6.70
C TYR A 23 -3.34 5.41 7.80
N LYS A 24 -3.33 4.79 8.96
CA LYS A 24 -2.52 5.24 10.09
C LYS A 24 -1.59 4.14 10.54
N THR A 25 -2.17 3.14 11.21
CA THR A 25 -1.40 2.01 11.71
C THR A 25 -1.41 0.86 10.70
N LYS A 26 -0.43 -0.02 10.78
CA LYS A 26 -0.34 -1.16 9.87
C LYS A 26 -1.63 -1.96 9.88
N SER A 27 -2.24 -2.06 11.04
CA SER A 27 -3.50 -2.78 11.20
C SER A 27 -4.64 -2.09 10.46
N ASP A 28 -4.36 -0.91 9.90
CA ASP A 28 -5.36 -0.14 9.17
C ASP A 28 -5.38 -0.50 7.67
N LEU A 29 -4.43 -1.33 7.23
CA LEU A 29 -4.36 -1.72 5.83
C LEU A 29 -5.49 -2.66 5.45
N PRO A 30 -5.70 -2.88 4.13
CA PRO A 30 -6.76 -3.76 3.63
C PRO A 30 -6.55 -5.22 4.00
N GLU A 31 -7.64 -5.91 4.34
CA GLU A 31 -7.56 -7.32 4.70
C GLU A 31 -6.86 -8.12 3.61
N SER A 32 -7.21 -7.88 2.36
CA SER A 32 -6.58 -8.58 1.23
C SER A 32 -5.12 -8.20 1.12
N VAL A 33 -4.70 -7.20 1.89
CA VAL A 33 -3.32 -6.76 1.90
C VAL A 33 -2.60 -7.37 3.10
N LYS A 34 -3.18 -7.17 4.28
CA LYS A 34 -2.62 -7.70 5.51
C LYS A 34 -2.66 -9.23 5.52
N HIS A 35 -3.64 -9.81 4.84
CA HIS A 35 -3.79 -11.27 4.76
C HIS A 35 -2.88 -11.86 3.70
N VAL A 36 -1.82 -11.14 3.37
CA VAL A 36 -0.88 -11.57 2.35
C VAL A 36 0.47 -10.89 2.55
N LEU A 37 0.46 -9.69 3.13
CA LEU A 37 1.68 -8.95 3.37
C LEU A 37 2.21 -9.18 4.78
N PRO A 38 3.50 -9.52 4.85
CA PRO A 38 4.20 -9.77 6.11
C PRO A 38 4.21 -8.54 7.01
N SER A 39 4.86 -8.67 8.17
CA SER A 39 4.92 -7.57 9.14
C SER A 39 5.45 -6.27 8.51
N HIS A 40 6.76 -6.21 8.29
CA HIS A 40 7.40 -5.01 7.74
C HIS A 40 6.82 -4.60 6.39
N ALA A 41 6.12 -5.50 5.71
CA ALA A 41 5.54 -5.18 4.40
C ALA A 41 4.39 -4.20 4.53
N GLN A 42 3.62 -4.34 5.59
CA GLN A 42 2.49 -3.45 5.83
C GLN A 42 2.98 -2.05 6.12
N ASP A 43 4.07 -1.95 6.88
CA ASP A 43 4.67 -0.65 7.19
C ASP A 43 5.10 -0.01 5.87
N ILE A 44 5.63 -0.87 5.00
CA ILE A 44 6.06 -0.47 3.67
C ILE A 44 4.85 -0.05 2.86
N TYR A 45 3.90 -0.96 2.77
CA TYR A 45 2.66 -0.71 2.05
C TYR A 45 1.97 0.55 2.56
N LYS A 46 1.98 0.73 3.86
CA LYS A 46 1.36 1.89 4.48
C LYS A 46 2.15 3.16 4.20
N GLU A 47 3.44 3.14 4.51
CA GLU A 47 4.30 4.30 4.31
C GLU A 47 4.36 4.71 2.85
N ALA A 48 4.38 3.72 1.96
CA ALA A 48 4.43 3.98 0.54
C ALA A 48 3.09 4.51 0.06
N PHE A 49 2.02 3.92 0.58
CA PHE A 49 0.67 4.35 0.24
C PHE A 49 0.49 5.81 0.59
N ASN A 50 0.87 6.16 1.83
CA ASN A 50 0.75 7.53 2.30
C ASN A 50 1.55 8.48 1.41
N SER A 51 2.72 8.03 0.98
CA SER A 51 3.58 8.84 0.12
C SER A 51 2.84 9.28 -1.14
N ALA A 52 2.13 8.34 -1.75
CA ALA A 52 1.36 8.63 -2.96
C ALA A 52 0.19 9.55 -2.65
N TRP A 53 -0.36 9.40 -1.45
CA TRP A 53 -1.48 10.24 -1.03
C TRP A 53 -1.02 11.69 -1.08
N ASP A 54 0.16 11.95 -0.53
CA ASP A 54 0.73 13.29 -0.50
C ASP A 54 1.03 13.77 -1.92
N GLN A 55 1.47 12.86 -2.77
CA GLN A 55 1.77 13.19 -4.16
C GLN A 55 0.49 13.52 -4.91
N TYR A 56 -0.59 12.94 -4.46
CA TYR A 56 -1.90 13.14 -5.07
C TYR A 56 -2.45 14.52 -4.70
N LYS A 57 -1.68 15.56 -4.99
CA LYS A 57 -2.10 16.93 -4.70
C LYS A 57 -3.08 17.44 -5.77
N ASP A 58 -3.43 16.58 -6.71
CA ASP A 58 -4.35 16.94 -7.79
C ASP A 58 -5.79 16.89 -7.31
N LYS A 59 -6.17 15.77 -6.69
CA LYS A 59 -7.54 15.59 -6.22
C LYS A 59 -7.61 14.51 -5.14
N GLU A 60 -6.73 14.59 -4.17
CA GLU A 60 -6.70 13.60 -3.10
C GLU A 60 -7.90 13.72 -2.15
N ASP A 61 -8.04 14.88 -1.53
CA ASP A 61 -9.14 15.11 -0.59
C ASP A 61 -10.19 16.04 -1.15
N ARG A 62 -10.40 15.96 -2.45
CA ARG A 62 -11.37 16.82 -3.12
C ARG A 62 -12.64 16.05 -3.50
N ARG A 63 -12.85 15.79 -4.80
CA ARG A 63 -14.03 15.08 -5.25
C ARG A 63 -13.75 13.59 -5.47
N ASP A 64 -12.66 13.30 -6.17
CA ASP A 64 -12.28 11.92 -6.47
C ASP A 64 -11.24 11.39 -5.48
N ASP A 65 -11.61 11.35 -4.22
CA ASP A 65 -10.71 10.88 -3.17
C ASP A 65 -10.32 9.42 -3.41
N ALA A 66 -11.22 8.65 -4.01
CA ALA A 66 -10.97 7.24 -4.29
C ALA A 66 -9.74 7.06 -5.18
N SER A 67 -9.71 7.80 -6.29
CA SER A 67 -8.58 7.73 -7.22
C SER A 67 -7.28 7.86 -6.45
N ARG A 68 -7.27 8.79 -5.50
CA ARG A 68 -6.09 8.98 -4.67
C ARG A 68 -5.78 7.68 -3.95
N GLU A 69 -6.76 7.21 -3.18
CA GLU A 69 -6.62 5.96 -2.46
C GLU A 69 -6.13 4.87 -3.41
N GLU A 70 -6.81 4.77 -4.55
CA GLU A 70 -6.43 3.81 -5.58
C GLU A 70 -4.95 3.93 -5.90
N THR A 71 -4.56 5.09 -6.40
CA THR A 71 -3.16 5.35 -6.73
C THR A 71 -2.24 5.00 -5.57
N ALA A 72 -2.56 5.55 -4.40
CA ALA A 72 -1.76 5.29 -3.21
C ALA A 72 -1.57 3.78 -3.07
N HIS A 73 -2.67 3.04 -3.22
CA HIS A 73 -2.62 1.59 -3.16
C HIS A 73 -1.64 1.09 -4.21
N LYS A 74 -1.81 1.58 -5.44
CA LYS A 74 -0.95 1.20 -6.55
C LYS A 74 0.52 1.49 -6.25
N VAL A 75 0.76 2.62 -5.59
CA VAL A 75 2.11 3.00 -5.23
C VAL A 75 2.64 2.13 -4.10
N ALA A 76 1.88 2.06 -3.01
CA ALA A 76 2.27 1.24 -1.87
C ALA A 76 2.70 -0.15 -2.31
N TRP A 77 1.90 -0.74 -3.19
CA TRP A 77 2.22 -2.07 -3.70
C TRP A 77 3.59 -2.06 -4.35
N ALA A 78 3.84 -1.04 -5.17
CA ALA A 78 5.14 -0.91 -5.84
C ALA A 78 6.27 -1.06 -4.82
N ALA A 79 6.07 -0.46 -3.65
CA ALA A 79 7.05 -0.56 -2.58
C ALA A 79 7.08 -1.98 -2.05
N VAL A 80 5.89 -2.53 -1.85
CA VAL A 80 5.74 -3.88 -1.38
C VAL A 80 6.38 -4.87 -2.35
N LYS A 81 6.09 -4.73 -3.64
CA LYS A 81 6.66 -5.62 -4.64
C LYS A 81 8.17 -5.40 -4.79
N HIS A 82 8.67 -4.31 -4.21
CA HIS A 82 10.09 -3.99 -4.25
C HIS A 82 10.83 -4.68 -3.12
N GLU A 83 10.24 -4.62 -1.92
CA GLU A 83 10.84 -5.22 -0.74
C GLU A 83 10.20 -6.56 -0.41
N TYR A 84 9.08 -6.85 -1.05
CA TYR A 84 8.36 -8.09 -0.81
C TYR A 84 7.93 -8.77 -2.12
N ALA A 85 7.90 -10.10 -2.09
CA ALA A 85 7.51 -10.90 -3.26
C ALA A 85 6.33 -11.81 -2.91
N LYS A 86 5.47 -12.08 -3.89
CA LYS A 86 4.32 -12.96 -3.68
C LYS A 86 4.60 -14.35 -4.21
N GLY A 87 4.57 -15.35 -3.33
CA GLY A 87 4.80 -16.72 -3.76
C GLY A 87 3.60 -17.31 -4.47
N ASP A 88 3.56 -18.63 -4.58
CA ASP A 88 2.44 -19.30 -5.24
C ASP A 88 1.36 -19.71 -4.25
N ASP A 89 1.11 -18.85 -3.26
CA ASP A 89 0.09 -19.12 -2.25
C ASP A 89 -0.76 -17.88 -1.96
N ASP A 90 -0.58 -16.84 -2.77
CA ASP A 90 -1.30 -15.59 -2.60
C ASP A 90 -0.84 -14.89 -1.34
N LYS A 91 0.43 -15.06 -1.03
CA LYS A 91 1.03 -14.45 0.13
C LYS A 91 2.35 -13.80 -0.26
N TRP A 92 2.85 -12.88 0.55
CA TRP A 92 4.09 -12.20 0.23
C TRP A 92 5.18 -12.45 1.27
N HIS A 93 6.42 -12.32 0.82
CA HIS A 93 7.60 -12.49 1.67
C HIS A 93 8.62 -11.43 1.29
N LYS A 94 9.27 -10.83 2.28
CA LYS A 94 10.24 -9.77 2.00
C LYS A 94 11.36 -10.22 1.08
N LYS A 95 11.47 -9.52 -0.03
CA LYS A 95 12.50 -9.78 -1.01
C LYS A 95 13.82 -9.14 -0.55
N SER A 96 13.94 -7.84 -0.79
CA SER A 96 15.14 -7.10 -0.40
C SER A 96 15.11 -6.76 1.08
N PRO A 22 -6.05 6.84 4.63
CA PRO A 22 -6.79 5.60 4.90
C PRO A 22 -6.05 4.69 5.89
N TYR A 23 -4.75 4.93 6.03
CA TYR A 23 -3.92 4.15 6.94
C TYR A 23 -3.37 5.03 8.05
N LYS A 24 -3.35 4.50 9.28
CA LYS A 24 -2.85 5.28 10.41
C LYS A 24 -1.60 4.65 11.04
N THR A 25 -1.58 3.33 11.22
CA THR A 25 -0.40 2.67 11.80
C THR A 25 0.12 1.55 10.91
N LYS A 26 -0.78 0.66 10.49
CA LYS A 26 -0.43 -0.47 9.65
C LYS A 26 -1.62 -1.42 9.52
N SER A 27 -2.17 -1.81 10.67
CA SER A 27 -3.32 -2.70 10.70
C SER A 27 -4.49 -2.11 9.91
N ASP A 28 -4.46 -0.80 9.71
CA ASP A 28 -5.50 -0.11 8.96
C ASP A 28 -5.47 -0.53 7.50
N LEU A 29 -4.39 -1.18 7.09
CA LEU A 29 -4.25 -1.63 5.71
C LEU A 29 -5.39 -2.58 5.34
N PRO A 30 -5.54 -2.88 4.04
CA PRO A 30 -6.60 -3.76 3.55
C PRO A 30 -6.39 -5.20 3.98
N GLU A 31 -7.47 -5.85 4.41
CA GLU A 31 -7.40 -7.23 4.87
C GLU A 31 -6.69 -8.11 3.84
N SER A 32 -7.01 -7.94 2.56
CA SER A 32 -6.37 -8.73 1.51
C SER A 32 -4.89 -8.39 1.41
N VAL A 33 -4.49 -7.34 2.11
CA VAL A 33 -3.11 -6.90 2.13
C VAL A 33 -2.41 -7.43 3.38
N LYS A 34 -3.01 -7.15 4.54
CA LYS A 34 -2.47 -7.61 5.80
C LYS A 34 -2.49 -9.14 5.89
N HIS A 35 -3.47 -9.75 5.24
CA HIS A 35 -3.62 -11.21 5.25
C HIS A 35 -2.71 -11.87 4.24
N VAL A 36 -1.69 -11.15 3.79
CA VAL A 36 -0.74 -11.65 2.81
C VAL A 36 0.63 -11.00 3.01
N LEU A 37 0.61 -9.73 3.46
CA LEU A 37 1.84 -9.00 3.67
C LEU A 37 2.38 -9.18 5.08
N PRO A 38 3.67 -9.52 5.15
CA PRO A 38 4.38 -9.74 6.42
C PRO A 38 4.38 -8.47 7.28
N SER A 39 5.17 -8.48 8.36
CA SER A 39 5.24 -7.34 9.27
C SER A 39 5.70 -6.06 8.58
N HIS A 40 7.00 -5.93 8.37
CA HIS A 40 7.58 -4.74 7.75
C HIS A 40 6.96 -4.41 6.38
N ALA A 41 6.26 -5.35 5.77
CA ALA A 41 5.66 -5.10 4.46
C ALA A 41 4.49 -4.13 4.58
N GLN A 42 3.73 -4.25 5.65
CA GLN A 42 2.59 -3.38 5.86
C GLN A 42 3.09 -1.96 6.11
N ASP A 43 4.17 -1.82 6.87
CA ASP A 43 4.77 -0.51 7.11
C ASP A 43 5.18 0.06 5.76
N ILE A 44 5.80 -0.81 4.96
CA ILE A 44 6.22 -0.45 3.62
C ILE A 44 5.01 0.01 2.82
N TYR A 45 4.01 -0.86 2.79
CA TYR A 45 2.77 -0.59 2.09
C TYR A 45 2.18 0.75 2.53
N LYS A 46 1.73 0.81 3.77
CA LYS A 46 1.14 2.03 4.31
C LYS A 46 2.02 3.26 4.08
N GLU A 47 3.28 3.18 4.48
CA GLU A 47 4.21 4.30 4.31
C GLU A 47 4.31 4.71 2.86
N ALA A 48 4.29 3.72 1.97
CA ALA A 48 4.37 3.99 0.55
C ALA A 48 3.05 4.58 0.06
N PHE A 49 1.96 4.03 0.57
CA PHE A 49 0.64 4.52 0.22
C PHE A 49 0.49 5.99 0.62
N ASN A 50 0.81 6.28 1.87
CA ASN A 50 0.73 7.65 2.39
C ASN A 50 1.50 8.61 1.49
N SER A 51 2.69 8.21 1.09
CA SER A 51 3.52 9.04 0.21
C SER A 51 2.76 9.41 -1.05
N ALA A 52 2.16 8.40 -1.67
CA ALA A 52 1.39 8.62 -2.89
C ALA A 52 0.12 9.39 -2.57
N TRP A 53 -0.39 9.19 -1.36
CA TRP A 53 -1.60 9.88 -0.90
C TRP A 53 -1.31 11.37 -0.78
N ASP A 54 -0.24 11.70 -0.05
CA ASP A 54 0.16 13.09 0.13
C ASP A 54 0.72 13.66 -1.17
N GLN A 55 1.30 12.78 -1.98
CA GLN A 55 1.86 13.20 -3.26
C GLN A 55 0.75 13.62 -4.21
N TYR A 56 -0.43 13.07 -3.98
CA TYR A 56 -1.59 13.38 -4.80
C TYR A 56 -2.10 14.79 -4.52
N LYS A 57 -1.21 15.78 -4.64
CA LYS A 57 -1.57 17.17 -4.41
C LYS A 57 -2.25 17.77 -5.64
N ASP A 58 -2.36 16.96 -6.69
CA ASP A 58 -2.99 17.40 -7.93
C ASP A 58 -4.49 17.52 -7.74
N LYS A 59 -5.14 16.39 -7.52
CA LYS A 59 -6.58 16.36 -7.33
C LYS A 59 -6.99 15.20 -6.42
N GLU A 60 -6.60 15.30 -5.16
CA GLU A 60 -6.92 14.26 -4.18
C GLU A 60 -8.23 14.55 -3.48
N ASP A 61 -8.49 15.81 -3.19
CA ASP A 61 -9.72 16.20 -2.52
C ASP A 61 -10.67 16.90 -3.47
N ARG A 62 -10.83 16.29 -4.64
CA ARG A 62 -11.72 16.82 -5.66
C ARG A 62 -12.98 15.96 -5.73
N ARG A 63 -13.35 15.54 -6.92
CA ARG A 63 -14.52 14.71 -7.12
C ARG A 63 -14.12 13.24 -7.19
N ASP A 64 -12.90 12.98 -7.65
CA ASP A 64 -12.39 11.62 -7.79
C ASP A 64 -11.31 11.33 -6.75
N ASP A 65 -11.62 11.61 -5.49
CA ASP A 65 -10.66 11.36 -4.41
C ASP A 65 -10.28 9.88 -4.37
N ALA A 66 -11.20 9.03 -4.80
CA ALA A 66 -10.96 7.58 -4.82
C ALA A 66 -9.72 7.28 -5.65
N SER A 67 -9.57 7.97 -6.76
CA SER A 67 -8.42 7.78 -7.63
C SER A 67 -7.15 7.95 -6.82
N ARG A 68 -7.12 8.97 -5.99
CA ARG A 68 -5.99 9.22 -5.12
C ARG A 68 -5.72 7.98 -4.29
N GLU A 69 -6.69 7.62 -3.45
CA GLU A 69 -6.59 6.44 -2.61
C GLU A 69 -6.14 5.26 -3.45
N GLU A 70 -6.83 5.08 -4.58
CA GLU A 70 -6.51 4.00 -5.52
C GLU A 70 -5.03 4.04 -5.87
N THR A 71 -4.60 5.15 -6.47
CA THR A 71 -3.20 5.29 -6.86
C THR A 71 -2.29 4.95 -5.69
N ALA A 72 -2.60 5.51 -4.52
CA ALA A 72 -1.81 5.24 -3.33
C ALA A 72 -1.67 3.74 -3.14
N HIS A 73 -2.79 3.03 -3.25
CA HIS A 73 -2.78 1.57 -3.14
C HIS A 73 -1.78 1.02 -4.16
N LYS A 74 -1.89 1.52 -5.40
CA LYS A 74 -1.01 1.11 -6.47
C LYS A 74 0.45 1.37 -6.12
N VAL A 75 0.70 2.50 -5.49
CA VAL A 75 2.05 2.87 -5.08
C VAL A 75 2.55 1.98 -3.96
N ALA A 76 1.79 1.95 -2.86
CA ALA A 76 2.16 1.15 -1.71
C ALA A 76 2.53 -0.27 -2.14
N TRP A 77 1.73 -0.85 -3.02
CA TRP A 77 2.00 -2.19 -3.51
C TRP A 77 3.35 -2.20 -4.22
N ALA A 78 3.59 -1.19 -5.05
CA ALA A 78 4.85 -1.08 -5.77
C ALA A 78 6.03 -1.24 -4.81
N ALA A 79 5.92 -0.57 -3.66
CA ALA A 79 6.94 -0.66 -2.63
C ALA A 79 6.97 -2.08 -2.08
N VAL A 80 5.77 -2.61 -1.83
CA VAL A 80 5.64 -3.95 -1.31
C VAL A 80 6.24 -4.97 -2.29
N LYS A 81 5.90 -4.87 -3.57
CA LYS A 81 6.44 -5.78 -4.58
C LYS A 81 7.93 -5.59 -4.75
N HIS A 82 8.45 -4.49 -4.21
CA HIS A 82 9.87 -4.18 -4.30
C HIS A 82 10.63 -4.85 -3.16
N GLU A 83 10.10 -4.71 -1.95
CA GLU A 83 10.71 -5.29 -0.76
C GLU A 83 10.09 -6.63 -0.41
N TYR A 84 8.94 -6.93 -1.02
CA TYR A 84 8.23 -8.17 -0.75
C TYR A 84 7.76 -8.85 -2.05
N ALA A 85 7.72 -10.18 -2.03
CA ALA A 85 7.29 -10.96 -3.19
C ALA A 85 6.13 -11.88 -2.84
N LYS A 86 5.25 -12.11 -3.81
CA LYS A 86 4.12 -13.00 -3.61
C LYS A 86 4.48 -14.40 -4.05
N GLY A 87 4.42 -15.35 -3.14
CA GLY A 87 4.75 -16.72 -3.50
C GLY A 87 3.79 -17.25 -4.54
N ASP A 88 3.89 -18.54 -4.83
CA ASP A 88 3.02 -19.15 -5.83
C ASP A 88 1.65 -19.50 -5.24
N ASP A 89 1.19 -18.75 -4.25
CA ASP A 89 -0.10 -19.01 -3.65
C ASP A 89 -0.97 -17.75 -3.68
N ASP A 90 -0.80 -16.94 -2.67
CA ASP A 90 -1.53 -15.69 -2.54
C ASP A 90 -0.99 -14.95 -1.33
N LYS A 91 0.27 -15.20 -1.03
CA LYS A 91 0.93 -14.58 0.10
C LYS A 91 2.26 -13.96 -0.33
N TRP A 92 2.78 -13.06 0.49
CA TRP A 92 4.04 -12.38 0.18
C TRP A 92 5.11 -12.58 1.26
N HIS A 93 6.37 -12.45 0.83
CA HIS A 93 7.51 -12.58 1.72
C HIS A 93 8.56 -11.53 1.33
N LYS A 94 9.19 -10.89 2.31
CA LYS A 94 10.16 -9.85 2.00
C LYS A 94 11.26 -10.31 1.08
N LYS A 95 11.37 -9.62 -0.05
CA LYS A 95 12.38 -9.87 -1.04
C LYS A 95 13.70 -9.24 -0.61
N SER A 96 13.83 -7.95 -0.88
CA SER A 96 15.03 -7.20 -0.55
C SER A 96 15.21 -7.14 0.97
N PRO A 22 -6.07 6.76 4.53
CA PRO A 22 -6.81 5.55 4.89
C PRO A 22 -6.02 4.67 5.87
N TYR A 23 -4.72 4.91 5.95
CA TYR A 23 -3.85 4.15 6.85
C TYR A 23 -3.26 5.07 7.92
N LYS A 24 -3.13 4.58 9.14
CA LYS A 24 -2.59 5.40 10.22
C LYS A 24 -1.35 4.79 10.86
N THR A 25 -1.36 3.48 11.07
CA THR A 25 -0.22 2.81 11.67
C THR A 25 0.26 1.65 10.80
N LYS A 26 -0.66 0.73 10.51
CA LYS A 26 -0.36 -0.44 9.69
C LYS A 26 -1.60 -1.33 9.61
N SER A 27 -2.16 -1.67 10.76
CA SER A 27 -3.35 -2.51 10.81
C SER A 27 -4.47 -1.89 9.99
N ASP A 28 -4.39 -0.58 9.78
CA ASP A 28 -5.39 0.13 9.00
C ASP A 28 -5.42 -0.36 7.55
N LEU A 29 -4.36 -1.04 7.14
CA LEU A 29 -4.28 -1.55 5.78
C LEU A 29 -5.41 -2.52 5.47
N PRO A 30 -5.61 -2.84 4.18
CA PRO A 30 -6.67 -3.75 3.74
C PRO A 30 -6.47 -5.18 4.21
N GLU A 31 -7.55 -5.82 4.63
CA GLU A 31 -7.48 -7.20 5.11
C GLU A 31 -6.79 -8.10 4.08
N SER A 32 -7.15 -7.95 2.81
CA SER A 32 -6.53 -8.74 1.74
C SER A 32 -5.05 -8.39 1.60
N VAL A 33 -4.64 -7.32 2.26
CA VAL A 33 -3.25 -6.88 2.25
C VAL A 33 -2.53 -7.43 3.47
N LYS A 34 -3.11 -7.15 4.65
CA LYS A 34 -2.55 -7.62 5.91
C LYS A 34 -2.54 -9.15 5.98
N HIS A 35 -3.53 -9.77 5.33
CA HIS A 35 -3.66 -11.24 5.31
C HIS A 35 -2.75 -11.87 4.27
N VAL A 36 -1.68 -11.16 3.92
CA VAL A 36 -0.74 -11.64 2.92
C VAL A 36 0.61 -10.96 3.10
N LEU A 37 0.57 -9.70 3.51
CA LEU A 37 1.80 -8.94 3.73
C LEU A 37 2.30 -9.09 5.15
N PRO A 38 3.59 -9.42 5.27
CA PRO A 38 4.27 -9.61 6.55
C PRO A 38 4.27 -8.31 7.37
N SER A 39 4.86 -8.36 8.56
CA SER A 39 4.89 -7.19 9.44
C SER A 39 5.47 -5.94 8.75
N HIS A 40 6.79 -5.94 8.56
CA HIS A 40 7.47 -4.79 7.96
C HIS A 40 6.91 -4.41 6.58
N ALA A 41 6.19 -5.34 5.95
CA ALA A 41 5.62 -5.07 4.63
C ALA A 41 4.48 -4.07 4.71
N GLN A 42 3.67 -4.20 5.74
CA GLN A 42 2.54 -3.30 5.94
C GLN A 42 3.04 -1.88 6.18
N ASP A 43 4.11 -1.78 6.96
CA ASP A 43 4.72 -0.48 7.25
C ASP A 43 5.19 0.11 5.93
N ILE A 44 5.77 -0.75 5.10
CA ILE A 44 6.23 -0.38 3.77
C ILE A 44 5.04 0.09 2.96
N TYR A 45 4.06 -0.80 2.85
CA TYR A 45 2.83 -0.54 2.12
C TYR A 45 2.23 0.80 2.53
N LYS A 46 1.86 0.90 3.81
CA LYS A 46 1.27 2.12 4.35
C LYS A 46 2.14 3.35 4.07
N GLU A 47 3.41 3.26 4.43
CA GLU A 47 4.34 4.39 4.24
C GLU A 47 4.41 4.80 2.78
N ALA A 48 4.40 3.82 1.87
CA ALA A 48 4.45 4.11 0.45
C ALA A 48 3.11 4.65 0.00
N PHE A 49 2.05 4.08 0.54
CA PHE A 49 0.70 4.51 0.22
C PHE A 49 0.51 5.97 0.61
N ASN A 50 0.90 6.30 1.84
CA ASN A 50 0.77 7.66 2.35
C ASN A 50 1.48 8.64 1.42
N SER A 51 2.68 8.29 0.98
CA SER A 51 3.44 9.14 0.07
C SER A 51 2.65 9.43 -1.19
N ALA A 52 2.05 8.39 -1.76
CA ALA A 52 1.24 8.57 -2.96
C ALA A 52 -0.06 9.29 -2.62
N TRP A 53 -0.52 9.10 -1.38
CA TRP A 53 -1.73 9.75 -0.91
C TRP A 53 -1.49 11.26 -0.81
N ASP A 54 -0.40 11.64 -0.13
CA ASP A 54 -0.05 13.05 0.01
C ASP A 54 0.44 13.62 -1.31
N GLN A 55 1.10 12.78 -2.10
CA GLN A 55 1.62 13.19 -3.40
C GLN A 55 0.48 13.48 -4.36
N TYR A 56 -0.65 12.86 -4.11
CA TYR A 56 -1.83 13.03 -4.95
C TYR A 56 -2.45 14.43 -4.79
N LYS A 57 -1.60 15.45 -4.83
CA LYS A 57 -2.06 16.83 -4.70
C LYS A 57 -2.74 17.30 -5.98
N ASP A 58 -2.79 16.42 -6.98
CA ASP A 58 -3.41 16.75 -8.25
C ASP A 58 -4.94 16.74 -8.15
N LYS A 59 -5.45 15.86 -7.31
CA LYS A 59 -6.89 15.73 -7.13
C LYS A 59 -7.22 14.66 -6.09
N GLU A 60 -6.55 14.75 -4.95
CA GLU A 60 -6.73 13.77 -3.86
C GLU A 60 -8.04 13.99 -3.10
N ASP A 61 -8.26 15.20 -2.61
CA ASP A 61 -9.46 15.50 -1.82
C ASP A 61 -10.45 16.35 -2.60
N ARG A 62 -10.65 16.00 -3.86
CA ARG A 62 -11.59 16.73 -4.70
C ARG A 62 -12.86 15.90 -4.92
N ARG A 63 -13.15 15.55 -6.17
CA ARG A 63 -14.34 14.75 -6.47
C ARG A 63 -14.00 13.27 -6.61
N ASP A 64 -12.80 12.97 -7.12
CA ASP A 64 -12.37 11.59 -7.32
C ASP A 64 -11.34 11.15 -6.28
N ASP A 65 -11.70 11.27 -5.00
CA ASP A 65 -10.79 10.90 -3.92
C ASP A 65 -10.37 9.43 -4.04
N ALA A 66 -11.27 8.60 -4.54
CA ALA A 66 -10.97 7.18 -4.71
C ALA A 66 -9.73 6.99 -5.56
N SER A 67 -9.63 7.75 -6.64
CA SER A 67 -8.48 7.67 -7.53
C SER A 67 -7.19 7.80 -6.73
N ARG A 68 -7.18 8.77 -5.81
CA ARG A 68 -6.04 8.99 -4.94
C ARG A 68 -5.76 7.69 -4.18
N GLU A 69 -6.72 7.28 -3.37
CA GLU A 69 -6.61 6.05 -2.61
C GLU A 69 -6.14 4.93 -3.53
N GLU A 70 -6.81 4.81 -4.68
CA GLU A 70 -6.46 3.80 -5.67
C GLU A 70 -4.96 3.84 -5.99
N THR A 71 -4.53 4.97 -6.55
CA THR A 71 -3.11 5.13 -6.90
C THR A 71 -2.22 4.78 -5.71
N ALA A 72 -2.52 5.35 -4.54
CA ALA A 72 -1.73 5.05 -3.35
C ALA A 72 -1.60 3.55 -3.20
N HIS A 73 -2.72 2.85 -3.34
CA HIS A 73 -2.72 1.39 -3.26
C HIS A 73 -1.70 0.85 -4.25
N LYS A 74 -1.77 1.35 -5.49
CA LYS A 74 -0.86 0.96 -6.55
C LYS A 74 0.59 1.24 -6.18
N VAL A 75 0.84 2.42 -5.63
CA VAL A 75 2.18 2.81 -5.22
C VAL A 75 2.68 1.96 -4.07
N ALA A 76 1.93 1.97 -2.97
CA ALA A 76 2.31 1.21 -1.79
C ALA A 76 2.71 -0.22 -2.16
N TRP A 77 1.91 -0.83 -3.03
CA TRP A 77 2.20 -2.18 -3.48
C TRP A 77 3.55 -2.20 -4.16
N ALA A 78 3.82 -1.21 -5.00
CA ALA A 78 5.10 -1.11 -5.70
C ALA A 78 6.24 -1.26 -4.70
N ALA A 79 6.11 -0.59 -3.55
CA ALA A 79 7.11 -0.68 -2.50
C ALA A 79 7.12 -2.09 -1.96
N VAL A 80 5.94 -2.64 -1.74
CA VAL A 80 5.79 -3.99 -1.24
C VAL A 80 6.42 -4.98 -2.22
N LYS A 81 6.02 -4.90 -3.49
CA LYS A 81 6.55 -5.79 -4.52
C LYS A 81 8.06 -5.63 -4.68
N HIS A 82 8.60 -4.55 -4.13
CA HIS A 82 10.04 -4.28 -4.22
C HIS A 82 10.79 -4.97 -3.09
N GLU A 83 10.28 -4.81 -1.87
CA GLU A 83 10.88 -5.40 -0.68
C GLU A 83 10.22 -6.73 -0.34
N TYR A 84 9.10 -7.01 -1.00
CA TYR A 84 8.35 -8.24 -0.77
C TYR A 84 7.94 -8.90 -2.08
N ALA A 85 7.86 -10.22 -2.06
CA ALA A 85 7.49 -10.99 -3.24
C ALA A 85 6.26 -11.86 -2.97
N LYS A 86 5.40 -12.02 -3.97
CA LYS A 86 4.22 -12.86 -3.82
C LYS A 86 4.55 -14.26 -4.28
N GLY A 87 4.39 -15.24 -3.40
CA GLY A 87 4.68 -16.60 -3.77
C GLY A 87 3.75 -17.07 -4.87
N ASP A 88 3.72 -18.37 -5.12
CA ASP A 88 2.86 -18.91 -6.17
C ASP A 88 1.45 -19.20 -5.65
N ASP A 89 0.95 -18.38 -4.72
CA ASP A 89 -0.38 -18.57 -4.19
C ASP A 89 -1.16 -17.26 -4.22
N ASP A 90 -1.00 -16.49 -3.17
CA ASP A 90 -1.63 -15.19 -3.03
C ASP A 90 -1.11 -14.52 -1.78
N LYS A 91 0.12 -14.88 -1.42
CA LYS A 91 0.77 -14.34 -0.25
C LYS A 91 2.14 -13.78 -0.62
N TRP A 92 2.66 -12.91 0.23
CA TRP A 92 3.95 -12.29 -0.05
C TRP A 92 4.96 -12.52 1.08
N HIS A 93 6.24 -12.41 0.72
CA HIS A 93 7.34 -12.55 1.66
C HIS A 93 8.43 -11.54 1.32
N LYS A 94 9.06 -10.95 2.33
CA LYS A 94 10.09 -9.94 2.06
C LYS A 94 11.21 -10.45 1.19
N LYS A 95 11.39 -9.77 0.08
CA LYS A 95 12.43 -10.08 -0.86
C LYS A 95 13.76 -9.50 -0.37
N SER A 96 13.96 -8.21 -0.64
CA SER A 96 15.18 -7.52 -0.22
C SER A 96 14.98 -6.85 1.13
#